data_7QPO
#
_entry.id   7QPO
#
_cell.length_a   114.054
_cell.length_b   122.923
_cell.length_c   73.159
_cell.angle_alpha   90.00
_cell.angle_beta   90.00
_cell.angle_gamma   90.00
#
_symmetry.space_group_name_H-M   'P 21 21 2'
#
loop_
_entity.id
_entity.type
_entity.pdbx_description
1 polymer 'Trans-3-hydroxy-L-proline dehydratase'
2 water water
#
_entity_poly.entity_id   1
_entity_poly.type   'polypeptide(L)'
_entity_poly.pdbx_seq_one_letter_code
;MGSSHHHHHHSSGENLYFQGHMESALAVPRLPPHDPGTPVLSVVDMHTGGEPLRIVLAGCPEVSGPTLLAKRRYMRQHLD
HVRRRLMFEPRGHRDMYGAVLVPSELPDAHLGVLFLHNEGYSSMCGHAVLALGRFALDFGLVPAPPAGTREARVNIHCPC
GLVTAFVACEDGRSHGPVRFHSVPAFVLATDLMVDVPGHGKVMVDIAYGGAFYAFVTAEKLGLDICSAKTRDLVDAASAV
TEAVKAQFKINHPDSEDLAFLYGTILTDGKDAYTKEPTTNICVFADEQVDRSPTGSGVTARIALQYHKGLLELNQMRAFK
SSATGSVFTGKAVREAKCGDFKAVIVEVSGQAHYTGTASFIIEDDDPLRDGFLLK
;
_entity_poly.pdbx_strand_id   A,B
#
# COMPACT_ATOMS: atom_id res chain seq x y z
N LEU A 31 7.40 14.98 16.52
CA LEU A 31 7.01 15.22 15.09
C LEU A 31 8.24 15.51 14.24
N PRO A 32 8.17 15.26 12.92
CA PRO A 32 9.20 15.71 12.00
C PRO A 32 9.01 17.17 11.59
N PRO A 33 10.05 17.83 11.04
CA PRO A 33 9.90 19.14 10.42
C PRO A 33 8.78 19.18 9.36
N HIS A 34 7.77 20.02 9.60
CA HIS A 34 6.56 20.16 8.74
C HIS A 34 6.28 21.64 8.49
N ASP A 35 5.34 21.93 7.59
CA ASP A 35 4.82 23.30 7.33
C ASP A 35 3.77 23.64 8.38
N PRO A 36 4.06 24.56 9.32
CA PRO A 36 3.01 25.08 10.21
C PRO A 36 2.01 25.86 9.34
N GLY A 37 0.72 25.75 9.64
CA GLY A 37 -0.33 26.47 8.90
C GLY A 37 -1.16 25.53 8.05
N THR A 38 -0.64 24.34 7.73
CA THR A 38 -1.44 23.18 7.29
C THR A 38 -1.61 22.27 8.50
N PRO A 39 -2.83 22.18 9.08
CA PRO A 39 -3.05 21.40 10.29
C PRO A 39 -2.58 19.94 10.12
N VAL A 40 -2.23 19.31 11.23
CA VAL A 40 -1.87 17.87 11.25
C VAL A 40 -3.15 17.04 11.14
N LEU A 41 -3.25 16.20 10.12
CA LEU A 41 -4.26 15.12 10.06
C LEU A 41 -3.87 13.98 11.01
N SER A 42 -4.72 13.66 11.98
CA SER A 42 -4.49 12.59 12.98
C SER A 42 -5.46 11.43 12.69
N VAL A 43 -4.98 10.20 12.67
CA VAL A 43 -5.83 9.04 12.29
C VAL A 43 -5.72 7.96 13.37
N VAL A 44 -6.75 7.14 13.50
CA VAL A 44 -6.69 5.80 14.14
C VAL A 44 -6.86 4.76 13.03
N ASP A 45 -5.81 3.99 12.76
CA ASP A 45 -5.80 2.90 11.77
C ASP A 45 -6.45 1.69 12.43
N MET A 46 -7.51 1.16 11.81
CA MET A 46 -8.12 -0.16 12.15
C MET A 46 -8.09 -1.06 10.90
N HIS A 47 -8.40 -2.36 11.06
CA HIS A 47 -8.72 -3.29 9.94
C HIS A 47 -9.84 -4.27 10.33
N THR A 48 -10.68 -4.61 9.36
CA THR A 48 -11.74 -5.64 9.48
C THR A 48 -11.36 -6.77 8.51
N GLY A 49 -10.72 -7.80 9.06
CA GLY A 49 -10.38 -9.01 8.30
C GLY A 49 -9.28 -8.75 7.29
N GLY A 50 -8.55 -7.65 7.42
CA GLY A 50 -7.37 -7.35 6.59
C GLY A 50 -7.55 -6.10 5.76
N GLU A 51 -8.79 -5.68 5.46
CA GLU A 51 -9.07 -4.42 4.76
C GLU A 51 -8.89 -3.28 5.76
N PRO A 52 -8.06 -2.26 5.47
CA PRO A 52 -7.80 -1.20 6.43
C PRO A 52 -8.87 -0.10 6.44
N LEU A 53 -8.94 0.65 7.53
CA LEU A 53 -9.81 1.82 7.66
C LEU A 53 -9.07 2.86 8.49
N ARG A 54 -8.76 4.02 7.92
CA ARG A 54 -8.29 5.22 8.66
C ARG A 54 -9.49 6.03 9.11
N ILE A 55 -9.78 6.07 10.41
CA ILE A 55 -10.75 7.03 11.01
C ILE A 55 -10.01 8.33 11.33
N VAL A 56 -10.44 9.44 10.76
CA VAL A 56 -9.81 10.76 11.02
C VAL A 56 -10.29 11.29 12.38
N LEU A 57 -9.38 11.52 13.31
CA LEU A 57 -9.67 12.06 14.66
C LEU A 57 -9.63 13.59 14.66
N ALA A 58 -8.82 14.23 13.83
CA ALA A 58 -8.55 15.67 13.94
C ALA A 58 -7.80 16.16 12.71
N GLY A 59 -7.93 17.46 12.42
CA GLY A 59 -7.15 18.19 11.39
C GLY A 59 -7.89 18.29 10.06
N CYS A 60 -9.11 17.78 9.99
CA CYS A 60 -9.98 17.95 8.80
C CYS A 60 -10.74 19.27 8.94
N PRO A 61 -10.66 20.19 7.95
CA PRO A 61 -11.46 21.40 7.96
C PRO A 61 -12.93 21.14 8.29
N GLU A 62 -13.69 22.13 8.75
CA GLU A 62 -15.16 22.00 8.93
C GLU A 62 -15.72 21.48 7.61
N VAL A 63 -16.40 20.33 7.66
CA VAL A 63 -17.20 19.81 6.52
C VAL A 63 -18.60 20.44 6.62
N SER A 64 -18.81 21.56 5.91
CA SER A 64 -20.05 22.36 5.95
C SER A 64 -21.15 21.65 5.15
N GLY A 65 -22.34 21.54 5.76
CA GLY A 65 -23.51 20.94 5.11
C GLY A 65 -24.68 20.82 6.08
N PRO A 66 -25.92 21.15 5.65
CA PRO A 66 -27.09 20.91 6.49
C PRO A 66 -27.36 19.43 6.78
N THR A 67 -26.91 18.55 5.90
CA THR A 67 -27.14 17.07 5.97
C THR A 67 -25.88 16.29 5.57
N LEU A 68 -25.85 15.01 5.91
CA LEU A 68 -24.72 14.08 5.61
C LEU A 68 -24.46 14.10 4.11
N LEU A 69 -25.53 14.10 3.32
CA LEU A 69 -25.49 14.13 1.84
C LEU A 69 -24.80 15.41 1.40
N ALA A 70 -25.26 16.54 1.93
CA ALA A 70 -24.67 17.86 1.67
C ALA A 70 -23.19 17.81 2.01
N LYS A 71 -22.84 17.23 3.17
CA LYS A 71 -21.44 17.15 3.69
C LYS A 71 -20.59 16.29 2.74
N ARG A 72 -21.10 15.16 2.27
CA ARG A 72 -20.36 14.30 1.31
C ARG A 72 -20.06 15.10 0.05
N ARG A 73 -21.04 15.86 -0.45
CA ARG A 73 -20.88 16.69 -1.67
C ARG A 73 -19.76 17.71 -1.44
N TYR A 74 -19.78 18.41 -0.29
CA TYR A 74 -18.85 19.51 0.08
C TYR A 74 -17.41 18.97 0.11
N MET A 75 -17.23 17.81 0.73
CA MET A 75 -15.93 17.15 0.83
C MET A 75 -15.40 16.85 -0.57
N ARG A 76 -16.23 16.23 -1.42
CA ARG A 76 -15.83 15.81 -2.80
C ARG A 76 -15.44 17.02 -3.64
N GLN A 77 -16.00 18.20 -3.35
CA GLN A 77 -15.90 19.39 -4.23
C GLN A 77 -15.00 20.47 -3.64
N HIS A 78 -14.55 20.36 -2.38
CA HIS A 78 -13.74 21.41 -1.70
C HIS A 78 -12.58 20.84 -0.88
N LEU A 79 -12.76 19.74 -0.16
CA LEU A 79 -11.68 19.16 0.69
C LEU A 79 -11.13 17.86 0.09
N ASP A 80 -11.14 17.69 -1.23
CA ASP A 80 -10.67 16.42 -1.83
C ASP A 80 -9.17 16.26 -1.59
N HIS A 81 -8.42 17.34 -1.45
CA HIS A 81 -6.97 17.30 -1.15
C HIS A 81 -6.74 16.48 0.14
N VAL A 82 -7.67 16.54 1.11
CA VAL A 82 -7.59 15.80 2.40
C VAL A 82 -7.72 14.31 2.09
N ARG A 83 -8.74 13.93 1.32
CA ARG A 83 -8.91 12.53 0.86
C ARG A 83 -7.63 12.06 0.19
N ARG A 84 -7.14 12.80 -0.81
CA ARG A 84 -5.97 12.40 -1.63
C ARG A 84 -4.75 12.21 -0.72
N ARG A 85 -4.57 13.06 0.30
CA ARG A 85 -3.44 12.99 1.26
C ARG A 85 -3.48 11.66 2.00
N LEU A 86 -4.61 11.35 2.63
CA LEU A 86 -4.75 10.18 3.54
C LEU A 86 -4.81 8.88 2.73
N MET A 87 -5.29 8.93 1.49
CA MET A 87 -5.55 7.67 0.74
C MET A 87 -4.56 7.43 -0.38
N PHE A 88 -3.70 8.39 -0.70
CA PHE A 88 -2.85 8.21 -1.91
C PHE A 88 -1.50 7.57 -1.55
N GLU A 89 -0.62 7.34 -2.53
CA GLU A 89 0.59 6.49 -2.34
C GLU A 89 1.58 6.95 -1.29
N PRO A 90 1.96 8.23 -1.15
CA PRO A 90 2.98 8.53 -0.15
C PRO A 90 2.56 8.03 1.25
N ARG A 91 1.38 8.41 1.75
CA ARG A 91 0.93 8.11 3.13
C ARG A 91 -0.10 6.98 3.18
N GLY A 92 -0.63 6.57 2.04
CA GLY A 92 -1.59 5.46 1.93
C GLY A 92 -1.15 4.53 0.83
N HIS A 93 -2.08 3.92 0.10
CA HIS A 93 -1.79 2.97 -0.99
C HIS A 93 -3.08 2.63 -1.75
N ARG A 94 -2.98 1.88 -2.86
CA ARG A 94 -4.12 1.61 -3.78
C ARG A 94 -5.28 1.00 -2.97
N ASP A 95 -5.02 0.18 -1.96
CA ASP A 95 -6.09 -0.53 -1.19
C ASP A 95 -6.36 0.09 0.20
N MET A 96 -6.18 1.40 0.35
CA MET A 96 -6.49 2.13 1.60
C MET A 96 -7.92 2.70 1.56
N TYR A 97 -8.61 2.68 2.70
CA TYR A 97 -9.97 3.27 2.88
C TYR A 97 -9.96 4.15 4.13
N GLY A 98 -10.87 5.13 4.15
CA GLY A 98 -10.86 6.19 5.16
C GLY A 98 -12.26 6.54 5.62
N ALA A 99 -12.36 7.21 6.75
CA ALA A 99 -13.63 7.64 7.34
C ALA A 99 -13.42 8.99 8.03
N VAL A 100 -14.24 9.97 7.64
CA VAL A 100 -14.37 11.25 8.36
C VAL A 100 -15.69 11.26 9.12
N LEU A 101 -15.63 11.46 10.43
CA LEU A 101 -16.80 11.41 11.32
C LEU A 101 -17.40 12.81 11.31
N VAL A 102 -18.71 12.93 11.23
CA VAL A 102 -19.43 14.23 11.17
C VAL A 102 -20.73 14.10 11.96
N PRO A 103 -21.31 15.21 12.44
CA PRO A 103 -22.64 15.16 13.03
C PRO A 103 -23.67 14.69 11.99
N SER A 104 -24.68 13.95 12.43
CA SER A 104 -25.83 13.49 11.61
C SER A 104 -27.05 14.39 11.85
N GLU A 105 -27.89 14.58 10.84
CA GLU A 105 -29.20 15.26 10.98
C GLU A 105 -30.15 14.34 11.79
N LEU A 106 -30.03 13.02 11.66
CA LEU A 106 -30.93 12.04 12.34
C LEU A 106 -30.70 12.07 13.84
N PRO A 107 -31.75 12.26 14.66
CA PRO A 107 -31.59 12.28 16.11
C PRO A 107 -31.17 10.94 16.71
N ASP A 108 -31.51 9.81 16.04
CA ASP A 108 -31.18 8.42 16.45
C ASP A 108 -29.66 8.18 16.44
N ALA A 109 -28.94 8.88 15.56
CA ALA A 109 -27.56 8.57 15.16
C ALA A 109 -26.57 9.02 16.23
N HIS A 110 -25.67 8.13 16.64
CA HIS A 110 -24.49 8.43 17.50
C HIS A 110 -23.40 9.16 16.69
N LEU A 111 -23.39 8.97 15.37
CA LEU A 111 -22.36 9.53 14.46
C LEU A 111 -22.79 9.39 13.00
N GLY A 112 -22.26 10.29 12.18
CA GLY A 112 -22.34 10.31 10.73
C GLY A 112 -20.98 9.99 10.15
N VAL A 113 -20.97 9.24 9.05
CA VAL A 113 -19.72 8.77 8.41
C VAL A 113 -19.69 9.27 6.97
N LEU A 114 -18.58 9.88 6.57
CA LEU A 114 -18.18 10.06 5.16
C LEU A 114 -17.07 9.07 4.89
N PHE A 115 -17.29 8.15 3.95
CA PHE A 115 -16.27 7.18 3.48
C PHE A 115 -15.41 7.86 2.40
N LEU A 116 -14.11 7.55 2.44
CA LEU A 116 -13.10 7.92 1.43
C LEU A 116 -12.51 6.63 0.86
N HIS A 117 -12.23 6.57 -0.45
CA HIS A 117 -11.43 5.48 -1.09
C HIS A 117 -10.58 6.07 -2.21
N ASN A 118 -9.77 5.25 -2.89
CA ASN A 118 -8.82 5.70 -3.95
C ASN A 118 -9.56 6.02 -5.25
N GLU A 119 -10.83 5.61 -5.38
CA GLU A 119 -11.65 5.84 -6.60
C GLU A 119 -12.63 7.01 -6.40
N GLY A 120 -12.93 7.43 -5.15
CA GLY A 120 -13.82 8.58 -4.87
C GLY A 120 -14.45 8.53 -3.49
N TYR A 121 -15.77 8.77 -3.40
CA TYR A 121 -16.54 8.82 -2.13
C TYR A 121 -17.67 7.78 -2.13
N SER A 122 -17.48 6.71 -1.36
CA SER A 122 -18.40 5.53 -1.28
C SER A 122 -19.72 5.94 -0.60
N SER A 123 -20.79 5.16 -0.88
CA SER A 123 -22.13 5.28 -0.25
C SER A 123 -22.38 4.06 0.64
N MET A 124 -21.97 2.88 0.16
CA MET A 124 -22.06 1.58 0.85
C MET A 124 -21.39 1.69 2.23
N CYS A 125 -22.22 1.59 3.27
CA CYS A 125 -21.80 1.54 4.69
C CYS A 125 -20.75 0.42 4.84
N GLY A 126 -21.06 -0.78 4.35
CA GLY A 126 -20.10 -1.88 4.20
C GLY A 126 -19.72 -2.42 5.56
N HIS A 127 -18.68 -3.24 5.59
CA HIS A 127 -18.15 -3.91 6.83
C HIS A 127 -17.41 -2.89 7.70
N ALA A 128 -17.12 -1.68 7.19
CA ALA A 128 -16.58 -0.54 7.97
C ALA A 128 -17.43 -0.28 9.23
N VAL A 129 -18.71 -0.60 9.24
CA VAL A 129 -19.54 -0.53 10.48
C VAL A 129 -18.93 -1.37 11.59
N LEU A 130 -18.35 -2.53 11.25
CA LEU A 130 -17.67 -3.39 12.26
C LEU A 130 -16.60 -2.55 12.97
N ALA A 131 -15.75 -1.84 12.23
CA ALA A 131 -14.68 -1.02 12.81
C ALA A 131 -15.29 0.19 13.51
N LEU A 132 -16.16 0.91 12.82
CA LEU A 132 -16.75 2.18 13.30
C LEU A 132 -17.57 1.93 14.57
N GLY A 133 -18.26 0.78 14.64
CA GLY A 133 -19.08 0.43 15.82
C GLY A 133 -18.17 0.31 17.02
N ARG A 134 -17.19 -0.57 16.89
CA ARG A 134 -16.13 -0.79 17.91
C ARG A 134 -15.51 0.56 18.27
N PHE A 135 -15.14 1.37 17.29
CA PHE A 135 -14.49 2.69 17.50
C PHE A 135 -15.39 3.58 18.38
N ALA A 136 -16.65 3.75 17.96
CA ALA A 136 -17.65 4.62 18.63
C ALA A 136 -17.73 4.27 20.11
N LEU A 137 -17.80 2.98 20.43
CA LEU A 137 -17.83 2.52 21.84
C LEU A 137 -16.49 2.85 22.52
N ASP A 138 -15.36 2.43 21.94
CA ASP A 138 -14.04 2.48 22.61
C ASP A 138 -13.64 3.94 22.82
N PHE A 139 -14.13 4.87 22.01
CA PHE A 139 -13.72 6.31 22.03
C PHE A 139 -14.84 7.19 22.61
N GLY A 140 -15.92 6.61 23.12
CA GLY A 140 -16.93 7.30 23.93
C GLY A 140 -17.88 8.17 23.11
N LEU A 141 -18.12 7.86 21.84
CA LEU A 141 -19.21 8.49 21.05
C LEU A 141 -20.54 7.87 21.51
N VAL A 142 -20.45 6.69 22.13
CA VAL A 142 -21.58 5.90 22.67
C VAL A 142 -21.36 5.73 24.17
N PRO A 143 -22.32 6.16 25.04
CA PRO A 143 -22.20 5.95 26.49
C PRO A 143 -22.00 4.47 26.83
N ALA A 144 -21.29 4.20 27.93
CA ALA A 144 -20.80 2.87 28.35
C ALA A 144 -21.98 1.95 28.61
N PRO A 145 -21.96 0.69 28.12
CA PRO A 145 -23.15 -0.17 28.18
C PRO A 145 -23.50 -0.54 29.62
N PRO A 146 -24.74 -0.98 29.91
CA PRO A 146 -25.08 -1.47 31.25
C PRO A 146 -24.24 -2.71 31.59
N ALA A 147 -23.64 -2.73 32.79
CA ALA A 147 -22.68 -3.77 33.27
C ALA A 147 -23.28 -5.17 33.04
N GLY A 148 -24.60 -5.33 33.20
CA GLY A 148 -25.34 -6.59 32.98
C GLY A 148 -25.29 -7.07 31.54
N THR A 149 -25.50 -6.16 30.56
CA THR A 149 -25.62 -6.46 29.11
C THR A 149 -24.23 -6.48 28.47
N ARG A 150 -23.94 -7.49 27.64
CA ARG A 150 -22.61 -7.75 27.06
C ARG A 150 -22.52 -7.29 25.59
N GLU A 151 -23.54 -6.61 25.05
CA GLU A 151 -23.43 -5.96 23.72
C GLU A 151 -24.08 -4.57 23.76
N ALA A 152 -23.48 -3.61 23.06
CA ALA A 152 -23.89 -2.19 22.96
C ALA A 152 -24.44 -1.92 21.56
N ARG A 153 -25.38 -0.97 21.46
CA ARG A 153 -25.99 -0.51 20.19
C ARG A 153 -25.29 0.77 19.76
N VAL A 154 -24.65 0.75 18.58
CA VAL A 154 -24.10 1.96 17.90
C VAL A 154 -24.93 2.23 16.64
N ASN A 155 -25.51 3.42 16.55
CA ASN A 155 -26.32 3.87 15.39
C ASN A 155 -25.41 4.69 14.49
N ILE A 156 -25.04 4.13 13.33
CA ILE A 156 -24.12 4.78 12.36
C ILE A 156 -24.96 5.31 11.21
N HIS A 157 -24.84 6.61 10.92
CA HIS A 157 -25.45 7.24 9.73
C HIS A 157 -24.45 7.18 8.57
N CYS A 158 -24.57 6.15 7.74
CA CYS A 158 -23.86 6.05 6.44
C CYS A 158 -24.63 6.83 5.39
N PRO A 159 -23.99 7.19 4.26
CA PRO A 159 -24.72 7.83 3.17
C PRO A 159 -25.95 7.00 2.77
N CYS A 160 -25.82 5.67 2.72
CA CYS A 160 -26.95 4.74 2.44
C CYS A 160 -28.09 5.08 3.41
N GLY A 161 -27.79 5.19 4.71
CA GLY A 161 -28.79 5.44 5.76
C GLY A 161 -28.32 5.01 7.13
N LEU A 162 -29.24 4.85 8.08
CA LEU A 162 -28.93 4.52 9.50
C LEU A 162 -28.75 2.99 9.61
N VAL A 163 -27.52 2.55 9.90
CA VAL A 163 -27.19 1.13 10.22
C VAL A 163 -26.92 1.04 11.72
N THR A 164 -27.53 0.07 12.39
CA THR A 164 -27.28 -0.24 13.82
C THR A 164 -26.26 -1.39 13.87
N ALA A 165 -25.16 -1.14 14.56
CA ALA A 165 -24.10 -2.12 14.90
C ALA A 165 -24.28 -2.54 16.37
N PHE A 166 -24.19 -3.84 16.63
CA PHE A 166 -24.27 -4.43 17.99
C PHE A 166 -22.86 -4.89 18.35
N VAL A 167 -22.23 -4.22 19.32
CA VAL A 167 -20.79 -4.40 19.66
C VAL A 167 -20.69 -5.12 21.00
N ALA A 168 -20.06 -6.30 21.03
CA ALA A 168 -19.78 -7.07 22.25
C ALA A 168 -18.83 -6.29 23.18
N CYS A 169 -19.10 -6.32 24.49
CA CYS A 169 -18.38 -5.57 25.54
C CYS A 169 -18.48 -6.33 26.88
N GLU A 170 -17.85 -5.79 27.93
CA GLU A 170 -18.01 -6.21 29.35
C GLU A 170 -18.33 -4.97 30.20
N SER A 174 -14.92 -3.67 26.27
CA SER A 174 -15.19 -2.86 25.05
C SER A 174 -14.61 -3.56 23.79
N HIS A 175 -13.94 -4.70 23.95
CA HIS A 175 -13.33 -5.50 22.88
C HIS A 175 -14.27 -6.66 22.52
N GLY A 176 -14.31 -7.05 21.25
CA GLY A 176 -15.10 -8.21 20.79
C GLY A 176 -15.69 -7.99 19.40
N PRO A 177 -16.39 -9.01 18.85
CA PRO A 177 -16.95 -8.95 17.50
C PRO A 177 -18.13 -7.99 17.40
N VAL A 178 -18.39 -7.52 16.18
CA VAL A 178 -19.52 -6.61 15.88
C VAL A 178 -20.44 -7.34 14.90
N ARG A 179 -21.74 -7.08 15.00
CA ARG A 179 -22.75 -7.66 14.07
C ARG A 179 -23.71 -6.56 13.64
N PHE A 180 -24.14 -6.61 12.38
CA PHE A 180 -25.13 -5.69 11.80
C PHE A 180 -26.09 -6.47 10.90
N HIS A 181 -27.22 -5.86 10.54
CA HIS A 181 -28.28 -6.44 9.68
C HIS A 181 -28.17 -5.81 8.28
N SER A 182 -28.12 -6.65 7.25
CA SER A 182 -28.05 -6.25 5.82
C SER A 182 -29.34 -5.51 5.43
N VAL A 183 -29.28 -4.78 4.32
CA VAL A 183 -30.50 -4.34 3.57
C VAL A 183 -31.15 -5.58 2.97
N PRO A 184 -32.37 -5.45 2.40
CA PRO A 184 -32.94 -6.49 1.55
C PRO A 184 -31.96 -7.02 0.50
N ALA A 185 -31.57 -8.28 0.63
CA ALA A 185 -30.63 -8.99 -0.27
C ALA A 185 -31.36 -10.08 -1.03
N PHE A 186 -31.14 -10.19 -2.34
CA PHE A 186 -31.90 -11.12 -3.21
C PHE A 186 -31.04 -11.63 -4.34
N VAL A 187 -31.60 -12.54 -5.12
CA VAL A 187 -30.96 -13.15 -6.31
C VAL A 187 -31.60 -12.53 -7.54
N LEU A 188 -30.79 -12.03 -8.47
CA LEU A 188 -31.27 -11.36 -9.70
C LEU A 188 -31.38 -12.39 -10.84
N ALA A 189 -30.57 -13.45 -10.80
CA ALA A 189 -30.48 -14.46 -11.88
C ALA A 189 -29.63 -15.64 -11.40
N THR A 190 -29.99 -16.86 -11.80
CA THR A 190 -29.30 -18.10 -11.36
C THR A 190 -28.91 -18.91 -12.59
N ASP A 191 -27.80 -19.64 -12.50
CA ASP A 191 -27.29 -20.59 -13.54
C ASP A 191 -27.36 -19.93 -14.92
N LEU A 192 -26.97 -18.65 -15.04
CA LEU A 192 -26.93 -17.90 -16.31
C LEU A 192 -25.61 -18.22 -17.04
N MET A 193 -25.69 -18.86 -18.20
CA MET A 193 -24.50 -19.09 -19.07
C MET A 193 -24.10 -17.76 -19.71
N VAL A 194 -22.80 -17.47 -19.75
CA VAL A 194 -22.28 -16.10 -20.08
C VAL A 194 -21.14 -16.21 -21.10
N ASP A 195 -21.00 -15.16 -21.91
CA ASP A 195 -20.02 -15.04 -23.03
C ASP A 195 -18.68 -14.55 -22.49
N VAL A 196 -17.84 -15.43 -21.95
CA VAL A 196 -16.57 -15.02 -21.28
C VAL A 196 -15.46 -15.05 -22.32
N PRO A 197 -14.85 -13.89 -22.68
CA PRO A 197 -13.66 -13.89 -23.53
C PRO A 197 -12.47 -14.43 -22.71
N GLY A 198 -12.18 -15.72 -22.86
CA GLY A 198 -11.03 -16.39 -22.22
C GLY A 198 -11.34 -17.85 -21.93
N HIS A 199 -12.58 -18.14 -21.54
CA HIS A 199 -13.03 -19.50 -21.15
C HIS A 199 -14.22 -19.97 -22.00
N GLY A 200 -14.67 -19.14 -22.97
CA GLY A 200 -15.81 -19.47 -23.84
C GLY A 200 -17.14 -19.17 -23.19
N LYS A 201 -17.69 -20.13 -22.42
CA LYS A 201 -19.04 -20.05 -21.81
C LYS A 201 -19.00 -20.73 -20.43
N VAL A 202 -19.56 -20.06 -19.39
CA VAL A 202 -19.63 -20.54 -17.98
C VAL A 202 -20.95 -20.06 -17.37
N MET A 203 -21.46 -20.79 -16.36
CA MET A 203 -22.70 -20.44 -15.62
C MET A 203 -22.34 -19.58 -14.41
N VAL A 204 -23.00 -18.43 -14.26
CA VAL A 204 -22.79 -17.47 -13.14
C VAL A 204 -24.12 -17.16 -12.48
N ASP A 205 -24.08 -16.82 -11.19
CA ASP A 205 -25.23 -16.30 -10.43
C ASP A 205 -25.00 -14.82 -10.17
N ILE A 206 -26.00 -13.97 -10.41
CA ILE A 206 -25.94 -12.53 -10.02
C ILE A 206 -26.90 -12.29 -8.84
N ALA A 207 -26.36 -11.84 -7.71
CA ALA A 207 -27.15 -11.50 -6.50
C ALA A 207 -26.78 -10.11 -5.99
N TYR A 208 -27.70 -9.50 -5.24
CA TYR A 208 -27.50 -8.18 -4.59
C TYR A 208 -27.30 -8.39 -3.08
N GLY A 209 -26.16 -7.95 -2.52
CA GLY A 209 -25.93 -7.93 -1.06
C GLY A 209 -25.67 -6.53 -0.52
N GLY A 210 -26.32 -5.51 -1.08
CA GLY A 210 -25.93 -4.09 -0.98
C GLY A 210 -25.17 -3.62 -2.22
N ALA A 211 -24.69 -4.54 -3.05
CA ALA A 211 -24.12 -4.29 -4.39
C ALA A 211 -24.38 -5.51 -5.27
N PHE A 212 -24.20 -5.42 -6.59
CA PHE A 212 -24.43 -6.53 -7.54
C PHE A 212 -23.11 -7.27 -7.78
N TYR A 213 -23.06 -8.56 -7.41
CA TYR A 213 -21.88 -9.44 -7.62
C TYR A 213 -22.27 -10.65 -8.47
N ALA A 214 -21.45 -10.94 -9.49
CA ALA A 214 -21.44 -12.22 -10.23
C ALA A 214 -20.72 -13.28 -9.39
N PHE A 215 -21.30 -14.46 -9.21
CA PHE A 215 -20.66 -15.59 -8.47
C PHE A 215 -20.36 -16.72 -9.45
N VAL A 216 -19.12 -17.17 -9.49
CA VAL A 216 -18.68 -18.39 -10.23
C VAL A 216 -17.76 -19.20 -9.32
N THR A 217 -17.65 -20.50 -9.55
CA THR A 217 -16.70 -21.40 -8.85
C THR A 217 -15.31 -21.16 -9.43
N ALA A 218 -14.27 -21.11 -8.58
CA ALA A 218 -12.86 -20.98 -9.01
C ALA A 218 -12.49 -22.16 -9.92
N GLU A 219 -12.87 -23.37 -9.51
CA GLU A 219 -12.59 -24.65 -10.24
C GLU A 219 -13.18 -24.55 -11.66
N LYS A 220 -14.34 -23.92 -11.81
CA LYS A 220 -15.04 -23.80 -13.10
C LYS A 220 -14.24 -22.93 -14.07
N LEU A 221 -13.28 -22.12 -13.58
CA LEU A 221 -12.37 -21.33 -14.47
C LEU A 221 -11.00 -22.01 -14.59
N GLY A 222 -10.84 -23.20 -13.99
CA GLY A 222 -9.60 -23.99 -14.04
C GLY A 222 -8.54 -23.44 -13.10
N LEU A 223 -8.96 -22.96 -11.92
CA LEU A 223 -8.07 -22.44 -10.86
C LEU A 223 -8.39 -23.13 -9.54
N ASP A 224 -7.35 -23.52 -8.78
CA ASP A 224 -7.48 -24.01 -7.39
C ASP A 224 -7.41 -22.78 -6.47
N ILE A 225 -8.53 -22.41 -5.84
CA ILE A 225 -8.63 -21.20 -4.99
C ILE A 225 -7.60 -21.30 -3.85
N CYS A 226 -7.25 -22.51 -3.42
CA CYS A 226 -6.36 -22.73 -2.25
C CYS A 226 -4.89 -22.44 -2.59
N SER A 227 -4.48 -22.51 -3.86
CA SER A 227 -3.05 -22.40 -4.28
C SER A 227 -2.80 -21.22 -5.24
N ALA A 228 -3.73 -20.95 -6.16
CA ALA A 228 -3.53 -20.06 -7.33
C ALA A 228 -3.01 -18.67 -6.91
N LYS A 229 -2.13 -18.08 -7.72
CA LYS A 229 -1.64 -16.69 -7.56
C LYS A 229 -2.80 -15.70 -7.72
N THR A 230 -2.79 -14.62 -6.94
CA THR A 230 -3.83 -13.56 -6.92
C THR A 230 -4.05 -13.00 -8.33
N ARG A 231 -2.97 -12.80 -9.07
CA ARG A 231 -2.98 -12.26 -10.47
C ARG A 231 -3.91 -13.11 -11.33
N ASP A 232 -3.80 -14.45 -11.22
CA ASP A 232 -4.58 -15.43 -12.02
C ASP A 232 -6.08 -15.27 -11.70
N LEU A 233 -6.41 -15.32 -10.42
CA LEU A 233 -7.81 -15.22 -9.92
C LEU A 233 -8.39 -13.85 -10.31
N VAL A 234 -7.57 -12.79 -10.29
CA VAL A 234 -8.05 -11.41 -10.60
C VAL A 234 -8.41 -11.35 -12.09
N ASP A 235 -7.52 -11.77 -12.99
CA ASP A 235 -7.74 -11.63 -14.46
C ASP A 235 -8.96 -12.46 -14.87
N ALA A 236 -9.10 -13.68 -14.32
CA ALA A 236 -10.30 -14.53 -14.53
C ALA A 236 -11.56 -13.76 -14.13
N ALA A 237 -11.65 -13.35 -12.86
CA ALA A 237 -12.82 -12.65 -12.27
C ALA A 237 -13.12 -11.36 -13.03
N SER A 238 -12.08 -10.62 -13.44
CA SER A 238 -12.23 -9.38 -14.25
C SER A 238 -12.96 -9.72 -15.56
N ALA A 239 -12.54 -10.81 -16.22
CA ALA A 239 -13.08 -11.27 -17.52
C ALA A 239 -14.59 -11.51 -17.42
N VAL A 240 -15.00 -12.26 -16.38
CA VAL A 240 -16.42 -12.53 -16.02
C VAL A 240 -17.16 -11.20 -15.84
N THR A 241 -16.58 -10.22 -15.11
CA THR A 241 -17.23 -8.92 -14.81
C THR A 241 -17.51 -8.16 -16.11
N GLU A 242 -16.54 -8.14 -17.03
CA GLU A 242 -16.67 -7.44 -18.33
C GLU A 242 -17.70 -8.19 -19.18
N ALA A 243 -17.59 -9.53 -19.25
CA ALA A 243 -18.55 -10.42 -19.96
C ALA A 243 -19.98 -10.11 -19.50
N VAL A 244 -20.26 -10.10 -18.18
CA VAL A 244 -21.61 -9.91 -17.60
C VAL A 244 -22.14 -8.52 -18.00
N LYS A 245 -21.28 -7.51 -18.07
CA LYS A 245 -21.66 -6.17 -18.59
C LYS A 245 -22.25 -6.30 -20.02
N ALA A 246 -21.68 -7.17 -20.86
CA ALA A 246 -22.10 -7.44 -22.26
C ALA A 246 -23.54 -8.00 -22.36
N GLN A 247 -24.00 -8.80 -21.38
CA GLN A 247 -25.36 -9.38 -21.32
C GLN A 247 -26.41 -8.26 -21.40
N LEU A 261 -23.03 -3.43 -11.83
CA LEU A 261 -22.36 -4.66 -11.32
C LEU A 261 -21.03 -4.30 -10.66
N TYR A 262 -20.96 -4.36 -9.32
CA TYR A 262 -19.80 -3.90 -8.51
C TYR A 262 -18.58 -4.80 -8.77
N GLY A 263 -18.78 -6.09 -9.02
CA GLY A 263 -17.66 -7.00 -9.37
C GLY A 263 -18.03 -8.47 -9.30
N THR A 264 -17.02 -9.33 -9.21
CA THR A 264 -17.17 -10.80 -9.26
C THR A 264 -16.57 -11.43 -8.00
N ILE A 265 -17.24 -12.43 -7.45
CA ILE A 265 -16.70 -13.24 -6.32
C ILE A 265 -16.51 -14.67 -6.82
N LEU A 266 -15.27 -15.17 -6.74
CA LEU A 266 -14.92 -16.60 -7.00
C LEU A 266 -15.06 -17.38 -5.69
N THR A 267 -15.61 -18.59 -5.75
CA THR A 267 -16.00 -19.37 -4.54
C THR A 267 -15.28 -20.72 -4.50
N ASP A 268 -15.27 -21.30 -3.30
CA ASP A 268 -14.79 -22.64 -2.95
C ASP A 268 -15.70 -23.71 -3.59
N GLY A 269 -16.93 -23.32 -3.93
CA GLY A 269 -18.00 -24.22 -4.42
C GLY A 269 -18.69 -24.98 -3.30
N LYS A 270 -18.35 -24.71 -2.03
CA LYS A 270 -18.90 -25.44 -0.86
C LYS A 270 -20.11 -24.68 -0.31
N ASP A 271 -21.08 -24.34 -1.18
CA ASP A 271 -22.34 -23.62 -0.84
C ASP A 271 -23.24 -24.56 -0.01
N ALA A 272 -23.04 -25.89 -0.13
CA ALA A 272 -23.68 -26.94 0.69
C ALA A 272 -23.36 -26.71 2.17
N TYR A 273 -24.39 -26.66 3.04
CA TYR A 273 -24.26 -26.37 4.49
C TYR A 273 -23.25 -27.33 5.11
N THR A 274 -22.37 -26.79 5.95
CA THR A 274 -21.39 -27.55 6.75
C THR A 274 -20.87 -26.64 7.86
N LYS A 275 -20.23 -27.21 8.89
CA LYS A 275 -19.55 -26.41 9.94
C LYS A 275 -18.24 -25.87 9.36
N GLU A 276 -17.72 -26.50 8.30
CA GLU A 276 -16.47 -26.06 7.63
C GLU A 276 -16.72 -24.70 6.99
N PRO A 277 -15.81 -23.72 7.16
CA PRO A 277 -15.92 -22.43 6.46
C PRO A 277 -15.81 -22.56 4.94
N THR A 278 -16.42 -21.65 4.19
CA THR A 278 -16.34 -21.56 2.70
C THR A 278 -15.45 -20.37 2.31
N THR A 279 -14.45 -20.60 1.46
CA THR A 279 -13.48 -19.59 0.98
C THR A 279 -14.04 -18.87 -0.26
N ASN A 280 -14.01 -17.54 -0.27
CA ASN A 280 -14.40 -16.70 -1.43
C ASN A 280 -13.31 -15.67 -1.70
N ILE A 281 -13.23 -15.15 -2.92
CA ILE A 281 -12.32 -14.03 -3.28
C ILE A 281 -13.14 -13.03 -4.09
N CYS A 282 -13.15 -11.78 -3.65
CA CYS A 282 -13.93 -10.69 -4.29
C CYS A 282 -12.97 -9.80 -5.09
N VAL A 283 -13.23 -9.65 -6.38
CA VAL A 283 -12.46 -8.79 -7.31
C VAL A 283 -13.43 -7.76 -7.87
N PHE A 284 -13.38 -6.52 -7.40
CA PHE A 284 -14.37 -5.48 -7.75
C PHE A 284 -13.68 -4.27 -8.38
N ALA A 285 -14.46 -3.34 -8.96
CA ALA A 285 -14.00 -2.03 -9.51
C ALA A 285 -12.89 -2.28 -10.54
N ASP A 286 -11.76 -1.55 -10.47
CA ASP A 286 -10.58 -1.79 -11.35
C ASP A 286 -9.73 -2.91 -10.74
N GLU A 287 -10.13 -4.16 -10.91
CA GLU A 287 -9.31 -5.35 -10.54
C GLU A 287 -8.65 -5.21 -9.16
N GLN A 288 -9.35 -4.62 -8.19
CA GLN A 288 -8.87 -4.41 -6.79
C GLN A 288 -9.42 -5.55 -5.91
N VAL A 289 -8.55 -6.32 -5.26
CA VAL A 289 -8.92 -7.52 -4.44
C VAL A 289 -9.37 -7.06 -3.05
N ASP A 290 -10.36 -7.73 -2.48
CA ASP A 290 -10.81 -7.47 -1.10
C ASP A 290 -9.99 -8.24 -0.07
N ARG A 291 -9.49 -7.56 0.96
CA ARG A 291 -8.69 -8.19 2.04
C ARG A 291 -9.55 -9.12 2.96
N SER A 292 -10.85 -8.79 3.07
CA SER A 292 -11.87 -9.52 3.85
C SER A 292 -12.87 -10.35 3.08
N PRO A 293 -13.63 -11.26 3.72
CA PRO A 293 -14.85 -11.82 3.11
C PRO A 293 -15.79 -10.63 2.97
N THR A 294 -16.09 -10.19 1.75
CA THR A 294 -16.85 -8.92 1.59
C THR A 294 -18.16 -9.02 2.37
N GLY A 295 -18.44 -8.06 3.25
CA GLY A 295 -19.72 -7.97 3.98
C GLY A 295 -20.91 -8.05 3.05
N SER A 296 -20.90 -7.25 1.98
CA SER A 296 -21.84 -7.32 0.83
C SER A 296 -21.84 -8.73 0.23
N GLY A 297 -20.65 -9.28 -0.04
CA GLY A 297 -20.46 -10.61 -0.63
C GLY A 297 -21.09 -11.70 0.22
N VAL A 298 -20.78 -11.72 1.53
CA VAL A 298 -21.41 -12.61 2.54
C VAL A 298 -22.93 -12.49 2.41
N THR A 299 -23.44 -11.27 2.41
CA THR A 299 -24.90 -11.00 2.35
C THR A 299 -25.49 -11.66 1.11
N ALA A 300 -24.93 -11.38 -0.06
CA ALA A 300 -25.46 -11.86 -1.37
C ALA A 300 -25.45 -13.38 -1.51
N ARG A 301 -24.40 -14.04 -1.01
CA ARG A 301 -24.27 -15.51 -1.13
C ARG A 301 -25.18 -16.23 -0.11
N ILE A 302 -25.50 -15.55 0.99
CA ILE A 302 -26.44 -16.06 2.02
C ILE A 302 -27.79 -16.07 1.31
N ALA A 303 -28.17 -14.95 0.69
CA ALA A 303 -29.35 -14.86 -0.18
C ALA A 303 -29.33 -16.01 -1.20
N LEU A 304 -28.20 -16.23 -1.86
CA LEU A 304 -28.05 -17.25 -2.93
C LEU A 304 -28.22 -18.66 -2.32
N GLN A 305 -27.61 -18.90 -1.15
CA GLN A 305 -27.68 -20.20 -0.43
C GLN A 305 -29.12 -20.44 0.04
N TYR A 306 -29.82 -19.40 0.51
CA TYR A 306 -31.23 -19.47 0.97
C TYR A 306 -32.10 -19.86 -0.22
N HIS A 307 -31.92 -19.19 -1.36
CA HIS A 307 -32.71 -19.37 -2.60
C HIS A 307 -32.58 -20.80 -3.13
N LYS A 308 -31.39 -21.40 -3.05
CA LYS A 308 -31.12 -22.76 -3.59
C LYS A 308 -31.50 -23.84 -2.56
N GLY A 309 -32.14 -23.45 -1.45
CA GLY A 309 -32.59 -24.36 -0.38
C GLY A 309 -31.45 -25.12 0.27
N LEU A 310 -30.28 -24.50 0.40
CA LEU A 310 -29.13 -25.12 1.09
C LEU A 310 -29.05 -24.61 2.53
N LEU A 311 -29.89 -23.64 2.89
CA LEU A 311 -29.81 -22.90 4.17
C LEU A 311 -31.21 -22.44 4.60
N GLU A 312 -31.47 -22.47 5.90
CA GLU A 312 -32.76 -22.03 6.51
C GLU A 312 -32.47 -20.76 7.33
N LEU A 313 -33.51 -20.04 7.73
CA LEU A 313 -33.43 -18.89 8.67
C LEU A 313 -32.66 -19.30 9.93
N ASN A 314 -31.84 -18.40 10.46
CA ASN A 314 -31.07 -18.57 11.71
C ASN A 314 -30.10 -19.75 11.58
N GLN A 315 -29.90 -20.29 10.38
CA GLN A 315 -28.72 -21.13 10.06
C GLN A 315 -27.56 -20.21 9.65
N MET A 316 -26.38 -20.47 10.22
CA MET A 316 -25.17 -19.61 10.15
C MET A 316 -24.08 -20.36 9.38
N ARG A 317 -23.57 -19.77 8.30
CA ARG A 317 -22.31 -20.21 7.64
C ARG A 317 -21.16 -19.31 8.07
N ALA A 318 -19.93 -19.78 7.86
CA ALA A 318 -18.70 -18.98 8.02
C ALA A 318 -18.06 -18.81 6.64
N PHE A 319 -17.60 -17.59 6.34
CA PHE A 319 -16.94 -17.24 5.06
C PHE A 319 -15.50 -16.86 5.35
N LYS A 320 -14.57 -17.48 4.65
CA LYS A 320 -13.11 -17.27 4.81
C LYS A 320 -12.58 -16.51 3.59
N SER A 321 -11.72 -15.51 3.82
CA SER A 321 -11.04 -14.77 2.73
C SER A 321 -9.88 -15.61 2.18
N SER A 322 -9.83 -15.82 0.87
CA SER A 322 -8.69 -16.48 0.18
C SER A 322 -7.42 -15.66 0.39
N ALA A 323 -7.54 -14.33 0.33
CA ALA A 323 -6.44 -13.36 0.48
C ALA A 323 -5.75 -13.50 1.84
N THR A 324 -6.48 -13.42 2.95
CA THR A 324 -5.87 -13.25 4.30
C THR A 324 -6.21 -14.39 5.25
N GLY A 325 -7.34 -15.06 5.05
CA GLY A 325 -7.76 -16.19 5.91
C GLY A 325 -8.75 -15.76 6.98
N SER A 326 -9.18 -14.50 6.96
CA SER A 326 -10.11 -13.96 7.99
C SER A 326 -11.53 -14.45 7.68
N VAL A 327 -12.38 -14.45 8.70
CA VAL A 327 -13.69 -15.16 8.65
C VAL A 327 -14.78 -14.20 9.10
N PHE A 328 -15.82 -14.06 8.28
CA PHE A 328 -17.10 -13.42 8.62
C PHE A 328 -18.15 -14.50 8.69
N THR A 329 -19.18 -14.30 9.51
CA THR A 329 -20.34 -15.20 9.65
C THR A 329 -21.54 -14.50 9.02
N GLY A 330 -22.28 -15.23 8.21
CA GLY A 330 -23.58 -14.80 7.66
C GLY A 330 -24.69 -15.63 8.26
N LYS A 331 -25.86 -15.03 8.39
CA LYS A 331 -27.06 -15.70 8.92
C LYS A 331 -28.27 -14.97 8.37
N ALA A 332 -29.09 -15.64 7.55
CA ALA A 332 -30.42 -15.14 7.14
C ALA A 332 -31.32 -15.15 8.38
N VAL A 333 -31.90 -14.02 8.74
CA VAL A 333 -32.64 -13.90 10.04
C VAL A 333 -34.15 -13.88 9.76
N ARG A 334 -34.58 -13.24 8.68
CA ARG A 334 -36.02 -13.17 8.29
C ARG A 334 -36.12 -12.93 6.78
N GLU A 335 -37.21 -13.40 6.18
CA GLU A 335 -37.56 -13.12 4.76
C GLU A 335 -37.97 -11.66 4.65
N ALA A 336 -38.00 -11.14 3.43
CA ALA A 336 -38.48 -9.77 3.11
C ALA A 336 -38.74 -9.66 1.61
N LYS A 337 -38.91 -8.45 1.10
CA LYS A 337 -39.39 -8.19 -0.27
C LYS A 337 -38.65 -6.96 -0.82
N CYS A 338 -38.45 -6.93 -2.13
CA CYS A 338 -37.77 -5.85 -2.88
C CYS A 338 -38.45 -5.71 -4.24
N GLY A 339 -39.55 -4.96 -4.32
CA GLY A 339 -40.48 -4.99 -5.46
C GLY A 339 -41.19 -6.34 -5.51
N ASP A 340 -41.13 -7.06 -6.64
CA ASP A 340 -41.72 -8.42 -6.76
C ASP A 340 -40.69 -9.47 -6.31
N PHE A 341 -39.42 -9.06 -6.13
CA PHE A 341 -38.27 -9.96 -5.82
C PHE A 341 -38.32 -10.39 -4.36
N LYS A 342 -38.22 -11.71 -4.11
CA LYS A 342 -38.14 -12.24 -2.72
C LYS A 342 -36.73 -12.00 -2.22
N ALA A 343 -36.60 -11.22 -1.16
CA ALA A 343 -35.29 -10.88 -0.57
C ALA A 343 -35.13 -11.61 0.76
N VAL A 344 -33.99 -11.40 1.39
CA VAL A 344 -33.71 -11.92 2.76
C VAL A 344 -32.94 -10.84 3.54
N ILE A 345 -33.06 -10.88 4.86
CA ILE A 345 -32.27 -10.00 5.77
C ILE A 345 -31.17 -10.90 6.34
N VAL A 346 -29.94 -10.41 6.30
CA VAL A 346 -28.74 -11.21 6.69
C VAL A 346 -28.05 -10.50 7.86
N GLU A 347 -27.69 -11.28 8.88
CA GLU A 347 -26.84 -10.85 10.02
C GLU A 347 -25.40 -11.16 9.65
N VAL A 348 -24.63 -10.13 9.30
CA VAL A 348 -23.16 -10.26 9.05
C VAL A 348 -22.44 -9.92 10.35
N SER A 349 -21.49 -10.75 10.75
CA SER A 349 -20.69 -10.56 11.98
C SER A 349 -19.21 -10.83 11.68
N GLY A 350 -18.34 -10.09 12.35
CA GLY A 350 -16.89 -10.17 12.16
C GLY A 350 -16.18 -9.40 13.24
N GLN A 351 -14.85 -9.42 13.21
CA GLN A 351 -13.97 -8.77 14.21
C GLN A 351 -13.22 -7.63 13.52
N ALA A 352 -13.22 -6.45 14.12
CA ALA A 352 -12.36 -5.32 13.71
C ALA A 352 -11.23 -5.21 14.73
N HIS A 353 -10.01 -4.88 14.29
CA HIS A 353 -8.81 -4.75 15.16
C HIS A 353 -8.10 -3.41 14.94
N TYR A 354 -7.60 -2.81 16.02
CA TYR A 354 -6.75 -1.60 15.99
C TYR A 354 -5.37 -2.01 15.48
N THR A 355 -4.75 -1.14 14.66
CA THR A 355 -3.40 -1.36 14.10
C THR A 355 -2.48 -0.24 14.55
N GLY A 356 -3.02 0.91 14.92
CA GLY A 356 -2.18 2.02 15.45
C GLY A 356 -2.76 3.39 15.13
N THR A 357 -1.88 4.37 15.03
CA THR A 357 -2.21 5.82 15.01
C THR A 357 -1.16 6.56 14.24
N ALA A 358 -1.55 7.53 13.44
CA ALA A 358 -0.61 8.34 12.64
C ALA A 358 -0.96 9.82 12.79
N SER A 359 0.05 10.66 12.63
CA SER A 359 -0.07 12.10 12.35
C SER A 359 0.50 12.35 10.96
N PHE A 360 -0.31 12.81 10.02
CA PHE A 360 0.17 13.16 8.66
C PHE A 360 0.42 14.66 8.58
N ILE A 361 1.52 15.00 7.91
CA ILE A 361 2.03 16.39 7.77
C ILE A 361 2.32 16.65 6.29
N ILE A 362 2.51 17.92 5.95
CA ILE A 362 2.86 18.38 4.59
C ILE A 362 4.14 19.20 4.66
N GLU A 363 5.07 18.99 3.75
CA GLU A 363 6.18 19.96 3.54
C GLU A 363 5.79 20.90 2.39
N ASP A 364 5.87 22.20 2.59
CA ASP A 364 5.41 23.19 1.58
C ASP A 364 6.17 22.95 0.26
N ASP A 365 7.40 22.44 0.34
CA ASP A 365 8.33 22.15 -0.80
C ASP A 365 7.85 20.93 -1.62
N ASP A 366 7.20 19.95 -0.99
CA ASP A 366 7.03 18.57 -1.54
C ASP A 366 6.16 18.59 -2.79
N PRO A 367 6.71 18.31 -3.99
CA PRO A 367 5.87 18.15 -5.18
C PRO A 367 4.72 17.16 -4.96
N LEU A 368 4.94 16.11 -4.16
CA LEU A 368 3.91 15.07 -3.90
C LEU A 368 3.23 15.31 -2.55
N ARG A 369 3.04 16.59 -2.18
CA ARG A 369 2.27 17.04 -1.00
C ARG A 369 0.94 16.31 -0.95
N ASP A 370 0.17 16.38 -2.04
CA ASP A 370 -1.24 15.97 -2.09
C ASP A 370 -1.35 14.52 -2.57
N GLY A 371 -0.23 13.79 -2.59
CA GLY A 371 -0.21 12.36 -2.97
C GLY A 371 -0.25 12.15 -4.49
N PHE A 372 -0.18 10.91 -4.92
CA PHE A 372 -0.12 10.52 -6.34
C PHE A 372 -0.66 9.09 -6.48
N LEU A 373 -1.12 8.74 -7.68
CA LEU A 373 -1.54 7.35 -8.00
C LEU A 373 -0.85 6.92 -9.30
N LEU A 374 -0.55 5.63 -9.47
CA LEU A 374 0.19 5.17 -10.69
C LEU A 374 -0.74 5.12 -11.91
N LYS A 375 -1.96 4.63 -11.77
CA LYS A 375 -2.89 4.48 -12.94
C LYS A 375 -2.22 3.62 -14.04
N ALA B 25 -13.90 16.98 21.94
CA ALA B 25 -13.65 16.59 23.38
C ALA B 25 -12.63 15.44 23.49
N LEU B 26 -11.86 15.17 22.43
CA LEU B 26 -10.66 14.27 22.45
C LEU B 26 -9.41 15.15 22.34
N ALA B 27 -9.29 16.12 23.25
CA ALA B 27 -8.12 17.03 23.40
C ALA B 27 -6.87 16.19 23.71
N VAL B 28 -6.96 15.31 24.71
CA VAL B 28 -5.83 14.49 25.23
C VAL B 28 -5.51 13.39 24.22
N PRO B 29 -4.27 13.36 23.64
CA PRO B 29 -3.82 12.24 22.82
C PRO B 29 -3.84 10.94 23.63
N ARG B 30 -4.50 9.92 23.08
CA ARG B 30 -4.60 8.57 23.69
C ARG B 30 -4.24 7.53 22.61
N LEU B 31 -3.65 6.40 23.02
CA LEU B 31 -3.50 5.20 22.14
C LEU B 31 -4.83 4.45 22.08
N PRO B 32 -5.08 3.65 21.02
CA PRO B 32 -6.24 2.78 20.97
C PRO B 32 -6.00 1.49 21.75
N PRO B 33 -7.05 0.69 22.06
CA PRO B 33 -6.88 -0.56 22.81
C PRO B 33 -5.84 -1.50 22.17
N HIS B 34 -4.77 -1.79 22.90
CA HIS B 34 -3.63 -2.63 22.47
C HIS B 34 -3.27 -3.65 23.56
N ASP B 35 -2.42 -4.61 23.23
CA ASP B 35 -1.79 -5.55 24.19
C ASP B 35 -0.60 -4.85 24.87
N PRO B 36 -0.69 -4.49 26.16
CA PRO B 36 0.49 -4.00 26.88
C PRO B 36 1.48 -5.18 27.00
N GLY B 37 2.77 -4.92 26.83
CA GLY B 37 3.79 -5.98 26.94
C GLY B 37 4.40 -6.32 25.60
N THR B 38 3.73 -5.97 24.50
CA THR B 38 4.35 -5.69 23.18
C THR B 38 4.48 -4.18 23.06
N PRO B 39 5.69 -3.62 23.21
CA PRO B 39 5.87 -2.17 23.16
C PRO B 39 5.30 -1.58 21.87
N VAL B 40 5.02 -0.27 21.90
CA VAL B 40 4.61 0.52 20.71
C VAL B 40 5.81 0.73 19.79
N LEU B 41 5.72 0.23 18.55
CA LEU B 41 6.62 0.62 17.43
C LEU B 41 6.28 2.03 16.98
N SER B 42 7.24 2.95 17.06
CA SER B 42 7.07 4.37 16.64
C SER B 42 7.92 4.60 15.40
N VAL B 43 7.33 5.21 14.38
CA VAL B 43 8.08 5.46 13.11
C VAL B 43 8.02 6.96 12.79
N VAL B 44 9.02 7.43 12.04
CA VAL B 44 8.93 8.65 11.20
C VAL B 44 8.87 8.21 9.72
N ASP B 45 7.73 8.45 9.09
CA ASP B 45 7.47 8.18 7.65
C ASP B 45 8.12 9.30 6.85
N MET B 46 9.05 8.95 5.95
CA MET B 46 9.61 9.88 4.91
C MET B 46 9.35 9.29 3.52
N HIS B 47 9.59 10.08 2.47
CA HIS B 47 9.66 9.58 1.06
C HIS B 47 10.75 10.32 0.25
N THR B 48 11.43 9.59 -0.62
CA THR B 48 12.45 10.09 -1.55
C THR B 48 11.90 9.92 -2.96
N GLY B 49 11.28 10.97 -3.50
CA GLY B 49 10.77 10.97 -4.88
C GLY B 49 9.59 10.03 -5.07
N GLY B 50 8.94 9.60 -3.98
CA GLY B 50 7.70 8.81 -4.03
C GLY B 50 7.85 7.45 -3.40
N GLU B 51 9.07 6.91 -3.29
CA GLU B 51 9.38 5.66 -2.55
C GLU B 51 9.30 6.00 -1.06
N PRO B 52 8.50 5.29 -0.24
CA PRO B 52 8.43 5.59 1.18
C PRO B 52 9.56 4.95 2.00
N LEU B 53 9.81 5.50 3.18
CA LEU B 53 10.78 4.93 4.14
C LEU B 53 10.22 5.12 5.53
N ARG B 54 9.92 4.04 6.25
CA ARG B 54 9.61 4.11 7.71
C ARG B 54 10.90 3.95 8.50
N ILE B 55 11.36 5.01 9.15
CA ILE B 55 12.51 4.94 10.09
C ILE B 55 11.97 4.63 11.48
N VAL B 56 12.39 3.54 12.10
CA VAL B 56 11.91 3.14 13.45
C VAL B 56 12.66 3.96 14.49
N LEU B 57 11.92 4.73 15.28
CA LEU B 57 12.46 5.63 16.33
C LEU B 57 12.53 4.90 17.67
N ALA B 58 11.67 3.92 17.92
CA ALA B 58 11.45 3.36 19.28
C ALA B 58 10.56 2.13 19.22
N GLY B 59 10.75 1.19 20.15
CA GLY B 59 9.87 0.02 20.35
C GLY B 59 10.38 -1.22 19.64
N CYS B 60 11.56 -1.15 19.03
CA CYS B 60 12.26 -2.34 18.50
C CYS B 60 13.12 -2.91 19.62
N PRO B 61 12.95 -4.20 19.99
CA PRO B 61 13.84 -4.83 20.96
C PRO B 61 15.33 -4.57 20.67
N GLU B 62 16.22 -4.70 21.66
CA GLU B 62 17.68 -4.55 21.42
C GLU B 62 18.05 -5.49 20.28
N VAL B 63 18.63 -4.95 19.22
CA VAL B 63 19.25 -5.76 18.12
C VAL B 63 20.68 -6.08 18.53
N SER B 64 20.89 -7.24 19.16
CA SER B 64 22.19 -7.70 19.70
C SER B 64 23.10 -8.15 18.56
N GLY B 65 24.33 -7.67 18.57
CA GLY B 65 25.37 -8.02 17.59
C GLY B 65 26.65 -7.23 17.83
N PRO B 66 27.84 -7.86 17.77
CA PRO B 66 29.10 -7.12 17.81
C PRO B 66 29.31 -6.21 16.59
N THR B 67 28.65 -6.52 15.45
CA THR B 67 28.73 -5.76 14.18
C THR B 67 27.35 -5.61 13.52
N LEU B 68 27.27 -4.66 12.58
CA LEU B 68 26.05 -4.36 11.79
C LEU B 68 25.58 -5.63 11.11
N LEU B 69 26.53 -6.39 10.55
CA LEU B 69 26.27 -7.68 9.85
C LEU B 69 25.67 -8.67 10.83
N ALA B 70 26.28 -8.80 12.02
CA ALA B 70 25.77 -9.63 13.12
C ALA B 70 24.34 -9.21 13.43
N LYS B 71 24.11 -7.88 13.55
CA LYS B 71 22.78 -7.31 13.90
C LYS B 71 21.75 -7.64 12.80
N ARG B 72 22.12 -7.53 11.53
CA ARG B 72 21.23 -7.90 10.40
C ARG B 72 20.81 -9.36 10.56
N ARG B 73 21.76 -10.24 10.86
CA ARG B 73 21.49 -11.70 11.01
C ARG B 73 20.49 -11.92 12.16
N TYR B 74 20.72 -11.25 13.30
CA TYR B 74 19.93 -11.40 14.55
C TYR B 74 18.49 -10.98 14.29
N MET B 75 18.31 -9.85 13.60
CA MET B 75 16.96 -9.34 13.26
C MET B 75 16.26 -10.37 12.37
N ARG B 76 16.91 -10.86 11.32
CA ARG B 76 16.31 -11.81 10.34
C ARG B 76 15.90 -13.11 11.04
N GLN B 77 16.57 -13.48 12.13
CA GLN B 77 16.47 -14.83 12.75
C GLN B 77 15.78 -14.77 14.12
N HIS B 78 15.44 -13.60 14.64
CA HIS B 78 14.82 -13.45 15.99
C HIS B 78 13.68 -12.41 15.98
N LEU B 79 13.88 -11.24 15.38
CA LEU B 79 12.90 -10.13 15.42
C LEU B 79 12.23 -9.93 14.06
N ASP B 80 12.05 -10.98 13.26
CA ASP B 80 11.48 -10.80 11.90
C ASP B 80 10.01 -10.38 12.02
N HIS B 81 9.33 -10.78 13.09
CA HIS B 81 7.91 -10.40 13.33
C HIS B 81 7.81 -8.86 13.30
N VAL B 82 8.84 -8.14 13.77
CA VAL B 82 8.85 -6.65 13.80
C VAL B 82 8.88 -6.13 12.36
N ARG B 83 9.79 -6.65 11.54
CA ARG B 83 9.87 -6.31 10.11
C ARG B 83 8.48 -6.57 9.48
N ARG B 84 7.93 -7.77 9.65
CA ARG B 84 6.64 -8.18 9.01
C ARG B 84 5.53 -7.22 9.44
N ARG B 85 5.52 -6.79 10.70
CA ARG B 85 4.49 -5.85 11.24
C ARG B 85 4.56 -4.53 10.50
N LEU B 86 5.74 -3.90 10.45
CA LEU B 86 5.94 -2.54 9.88
C LEU B 86 5.81 -2.56 8.35
N MET B 87 6.25 -3.63 7.69
CA MET B 87 6.34 -3.62 6.20
C MET B 87 5.18 -4.33 5.54
N PHE B 88 4.51 -5.23 6.24
CA PHE B 88 3.43 -6.02 5.62
C PHE B 88 2.09 -5.34 5.93
N GLU B 89 1.01 -5.89 5.38
CA GLU B 89 -0.33 -5.32 5.63
C GLU B 89 -0.88 -6.01 6.87
N PRO B 90 -1.60 -5.32 7.77
CA PRO B 90 -2.38 -4.15 7.40
C PRO B 90 -1.74 -2.78 7.65
N ARG B 91 -0.54 -2.73 8.21
CA ARG B 91 0.10 -1.44 8.59
C ARG B 91 1.03 -0.93 7.50
N GLY B 92 1.34 -1.74 6.50
CA GLY B 92 2.23 -1.37 5.37
C GLY B 92 1.60 -1.82 4.08
N HIS B 93 2.41 -2.16 3.08
CA HIS B 93 1.94 -2.57 1.74
C HIS B 93 3.07 -3.10 0.83
N ARG B 94 2.72 -3.58 -0.36
CA ARG B 94 3.65 -4.26 -1.29
C ARG B 94 4.93 -3.42 -1.47
N ASP B 95 4.82 -2.11 -1.66
CA ASP B 95 6.00 -1.23 -1.94
C ASP B 95 6.38 -0.32 -0.76
N MET B 96 6.31 -0.82 0.46
CA MET B 96 6.77 -0.12 1.68
C MET B 96 8.21 -0.57 1.97
N TYR B 97 9.05 0.33 2.45
CA TYR B 97 10.46 0.08 2.84
C TYR B 97 10.70 0.72 4.23
N GLY B 98 11.68 0.18 4.94
CA GLY B 98 11.85 0.44 6.38
C GLY B 98 13.30 0.53 6.75
N ALA B 99 13.57 1.08 7.92
CA ALA B 99 14.93 1.23 8.43
C ALA B 99 14.91 1.19 9.96
N VAL B 100 15.70 0.29 10.53
CA VAL B 100 15.99 0.27 11.99
C VAL B 100 17.40 0.83 12.21
N LEU B 101 17.52 1.85 13.04
CA LEU B 101 18.79 2.55 13.31
C LEU B 101 19.48 1.79 14.43
N VAL B 102 20.78 1.59 14.32
CA VAL B 102 21.58 0.77 15.27
C VAL B 102 22.94 1.41 15.40
N PRO B 103 23.67 1.14 16.51
CA PRO B 103 25.06 1.57 16.61
C PRO B 103 25.88 0.90 15.50
N SER B 104 26.90 1.60 15.00
CA SER B 104 27.92 1.05 14.07
C SER B 104 29.17 0.66 14.86
N GLU B 105 29.88 -0.38 14.42
CA GLU B 105 31.22 -0.73 14.94
C GLU B 105 32.22 0.36 14.50
N LEU B 106 32.04 0.96 13.33
CA LEU B 106 32.98 1.99 12.78
C LEU B 106 32.84 3.27 13.62
N PRO B 107 33.94 3.81 14.19
CA PRO B 107 33.86 5.06 14.94
C PRO B 107 33.53 6.28 14.07
N ASP B 108 33.83 6.20 12.76
CA ASP B 108 33.55 7.22 11.71
C ASP B 108 32.03 7.45 11.55
N ALA B 109 31.23 6.41 11.79
CA ALA B 109 29.79 6.36 11.43
C ALA B 109 28.96 7.14 12.45
N HIS B 110 28.09 8.03 11.97
CA HIS B 110 27.03 8.74 12.75
C HIS B 110 25.88 7.79 13.09
N LEU B 111 25.69 6.75 12.29
CA LEU B 111 24.56 5.79 12.44
C LEU B 111 24.80 4.54 11.59
N GLY B 112 24.22 3.44 12.05
CA GLY B 112 24.11 2.17 11.34
C GLY B 112 22.65 1.95 10.96
N VAL B 113 22.43 1.36 9.79
CA VAL B 113 21.08 1.14 9.23
C VAL B 113 20.93 -0.34 8.95
N LEU B 114 19.82 -0.92 9.43
CA LEU B 114 19.26 -2.20 8.94
C LEU B 114 18.05 -1.86 8.08
N PHE B 115 18.13 -2.18 6.79
CA PHE B 115 17.02 -2.04 5.81
C PHE B 115 16.07 -3.22 5.90
N LEU B 116 14.78 -2.88 5.77
CA LEU B 116 13.64 -3.81 5.73
C LEU B 116 12.94 -3.60 4.40
N HIS B 117 12.49 -4.70 3.77
CA HIS B 117 11.54 -4.69 2.62
C HIS B 117 10.60 -5.90 2.76
N ASN B 118 9.66 -6.06 1.82
CA ASN B 118 8.62 -7.13 1.85
C ASN B 118 9.23 -8.49 1.45
N GLU B 119 10.43 -8.49 0.88
CA GLU B 119 11.09 -9.73 0.36
C GLU B 119 12.20 -10.19 1.33
N GLY B 120 12.67 -9.34 2.26
CA GLY B 120 13.67 -9.72 3.27
C GLY B 120 14.47 -8.52 3.80
N TYR B 121 15.80 -8.68 3.88
CA TYR B 121 16.74 -7.66 4.43
C TYR B 121 17.76 -7.27 3.37
N SER B 122 17.62 -6.06 2.79
CA SER B 122 18.44 -5.55 1.66
C SER B 122 19.85 -5.18 2.17
N SER B 123 20.81 -5.07 1.26
CA SER B 123 22.20 -4.58 1.52
C SER B 123 22.39 -3.18 0.92
N MET B 124 21.92 -2.98 -0.31
CA MET B 124 22.10 -1.70 -1.04
C MET B 124 21.17 -0.66 -0.39
N CYS B 125 21.75 0.37 0.24
CA CYS B 125 20.99 1.51 0.78
C CYS B 125 20.26 2.21 -0.36
N GLY B 126 21.02 2.66 -1.37
CA GLY B 126 20.48 3.46 -2.49
C GLY B 126 19.94 4.78 -1.98
N HIS B 127 18.83 5.25 -2.55
CA HIS B 127 18.29 6.63 -2.38
C HIS B 127 17.78 6.84 -0.93
N ALA B 128 17.56 5.78 -0.16
CA ALA B 128 17.21 5.86 1.28
C ALA B 128 18.27 6.66 2.05
N VAL B 129 19.49 6.69 1.56
CA VAL B 129 20.55 7.57 2.11
C VAL B 129 20.09 9.04 2.12
N LEU B 130 19.41 9.46 1.06
CA LEU B 130 18.89 10.84 0.94
C LEU B 130 17.98 11.14 2.14
N ALA B 131 17.07 10.22 2.49
CA ALA B 131 16.13 10.40 3.61
C ALA B 131 16.91 10.30 4.92
N LEU B 132 17.70 9.24 5.07
CA LEU B 132 18.44 8.95 6.34
C LEU B 132 19.44 10.08 6.62
N GLY B 133 20.04 10.65 5.59
CA GLY B 133 20.95 11.81 5.73
C GLY B 133 20.22 12.99 6.34
N ARG B 134 19.16 13.43 5.66
CA ARG B 134 18.24 14.50 6.11
C ARG B 134 17.78 14.19 7.55
N PHE B 135 17.37 12.96 7.82
CA PHE B 135 16.86 12.54 9.15
C PHE B 135 17.94 12.76 10.20
N ALA B 136 19.13 12.21 9.98
CA ALA B 136 20.28 12.26 10.91
C ALA B 136 20.54 13.71 11.32
N LEU B 137 20.55 14.63 10.35
CA LEU B 137 20.74 16.07 10.65
C LEU B 137 19.55 16.60 11.46
N ASP B 138 18.32 16.41 10.99
CA ASP B 138 17.12 17.06 11.55
C ASP B 138 16.87 16.52 12.96
N PHE B 139 17.32 15.32 13.28
CA PHE B 139 17.04 14.64 14.59
C PHE B 139 18.30 14.61 15.46
N GLY B 140 19.40 15.26 15.05
CA GLY B 140 20.56 15.53 15.91
C GLY B 140 21.47 14.34 16.11
N LEU B 141 21.50 13.37 15.20
CA LEU B 141 22.56 12.33 15.17
C LEU B 141 23.87 12.99 14.68
N VAL B 142 23.73 14.10 13.96
CA VAL B 142 24.84 14.90 13.40
C VAL B 142 24.69 16.31 13.95
N PRO B 143 25.71 16.88 14.66
CA PRO B 143 25.67 18.28 15.07
C PRO B 143 25.48 19.21 13.86
N ALA B 144 24.82 20.35 14.04
CA ALA B 144 24.54 21.34 12.97
C ALA B 144 25.86 21.93 12.52
N PRO B 145 26.12 22.11 11.21
CA PRO B 145 27.38 22.70 10.75
C PRO B 145 27.46 24.16 11.20
N PRO B 146 28.67 24.79 11.14
CA PRO B 146 28.78 26.24 11.37
C PRO B 146 27.83 27.00 10.44
N ALA B 147 27.15 28.04 10.94
CA ALA B 147 26.18 28.89 10.21
C ALA B 147 26.74 29.27 8.83
N GLY B 148 28.05 29.48 8.70
CA GLY B 148 28.77 29.79 7.44
C GLY B 148 28.63 28.70 6.37
N THR B 149 28.80 27.42 6.74
CA THR B 149 28.66 26.24 5.83
C THR B 149 27.18 25.87 5.73
N ARG B 150 26.75 25.28 4.60
CA ARG B 150 25.33 24.90 4.34
C ARG B 150 25.20 23.38 4.12
N GLU B 151 26.26 22.67 3.72
CA GLU B 151 26.17 21.20 3.52
C GLU B 151 26.86 20.48 4.68
N ALA B 152 26.11 19.60 5.35
CA ALA B 152 26.55 18.78 6.50
C ALA B 152 26.87 17.36 6.03
N ARG B 153 27.88 16.75 6.62
CA ARG B 153 28.40 15.41 6.24
C ARG B 153 27.79 14.41 7.23
N VAL B 154 27.02 13.46 6.72
CA VAL B 154 26.44 12.33 7.50
C VAL B 154 27.09 11.04 6.99
N ASN B 155 27.73 10.28 7.87
CA ASN B 155 28.36 8.99 7.58
C ASN B 155 27.37 7.90 7.99
N ILE B 156 26.78 7.24 7.01
CA ILE B 156 25.75 6.18 7.21
C ILE B 156 26.43 4.84 6.96
N HIS B 157 26.36 3.95 7.94
CA HIS B 157 26.83 2.54 7.85
C HIS B 157 25.69 1.68 7.36
N CYS B 158 25.65 1.45 6.05
CA CYS B 158 24.80 0.45 5.36
C CYS B 158 25.43 -0.92 5.52
N PRO B 159 24.67 -2.01 5.32
CA PRO B 159 25.28 -3.32 5.14
C PRO B 159 26.31 -3.27 3.99
N CYS B 160 25.97 -2.54 2.92
CA CYS B 160 26.84 -2.11 1.79
C CYS B 160 28.23 -1.74 2.35
N GLY B 161 28.28 -0.86 3.35
CA GLY B 161 29.50 -0.25 3.92
C GLY B 161 29.20 1.18 4.33
N LEU B 162 30.23 1.99 4.56
CA LEU B 162 30.05 3.41 4.97
C LEU B 162 29.81 4.27 3.72
N VAL B 163 28.61 4.85 3.62
CA VAL B 163 28.26 5.88 2.61
C VAL B 163 28.21 7.24 3.32
N THR B 164 28.89 8.24 2.76
CA THR B 164 28.80 9.65 3.19
C THR B 164 27.73 10.34 2.35
N ALA B 165 26.73 10.90 3.02
CA ALA B 165 25.70 11.79 2.48
C ALA B 165 26.02 13.24 2.88
N PHE B 166 25.91 14.16 1.93
CA PHE B 166 26.09 15.61 2.14
C PHE B 166 24.70 16.25 2.08
N VAL B 167 24.24 16.79 3.22
CA VAL B 167 22.87 17.39 3.36
C VAL B 167 22.96 18.91 3.40
N ALA B 168 22.34 19.61 2.45
CA ALA B 168 22.20 21.08 2.44
C ALA B 168 21.26 21.47 3.59
N CYS B 169 21.58 22.54 4.31
CA CYS B 169 20.80 23.06 5.47
C CYS B 169 21.05 24.55 5.65
N GLU B 170 20.33 25.16 6.60
CA GLU B 170 20.52 26.55 7.07
C GLU B 170 20.68 26.50 8.60
N ASP B 171 21.85 26.92 9.09
CA ASP B 171 22.16 27.00 10.53
C ASP B 171 22.03 25.60 11.14
N SER B 174 18.61 20.78 8.30
CA SER B 174 17.43 21.54 7.83
C SER B 174 16.97 21.00 6.46
N HIS B 175 16.39 21.84 5.60
CA HIS B 175 15.71 21.43 4.34
C HIS B 175 16.65 21.64 3.16
N GLY B 176 16.53 20.80 2.13
CA GLY B 176 17.29 20.91 0.87
C GLY B 176 17.60 19.56 0.27
N PRO B 177 18.34 19.52 -0.87
CA PRO B 177 18.76 18.26 -1.47
C PRO B 177 19.85 17.56 -0.64
N VAL B 178 19.95 16.25 -0.82
CA VAL B 178 21.06 15.42 -0.29
C VAL B 178 21.79 14.86 -1.51
N ARG B 179 23.10 14.71 -1.42
CA ARG B 179 23.94 14.14 -2.48
C ARG B 179 24.88 13.10 -1.86
N PHE B 180 25.11 12.01 -2.57
CA PHE B 180 26.06 10.93 -2.20
C PHE B 180 26.82 10.49 -3.44
N HIS B 181 27.92 9.76 -3.24
CA HIS B 181 28.84 9.26 -4.29
C HIS B 181 28.60 7.76 -4.44
N SER B 182 28.38 7.30 -5.66
CA SER B 182 28.08 5.88 -6.00
C SER B 182 29.30 5.01 -5.73
N VAL B 183 29.09 3.70 -5.62
CA VAL B 183 30.17 2.68 -5.82
C VAL B 183 30.62 2.73 -7.28
N PRO B 184 31.81 2.19 -7.57
CA PRO B 184 32.26 1.96 -8.95
C PRO B 184 31.13 1.39 -9.83
N ALA B 185 30.72 2.19 -10.81
CA ALA B 185 29.61 1.89 -11.75
C ALA B 185 30.20 1.70 -13.14
N PHE B 186 29.79 0.65 -13.85
CA PHE B 186 30.37 0.30 -15.17
C PHE B 186 29.32 -0.31 -16.06
N VAL B 187 29.69 -0.54 -17.31
CA VAL B 187 28.86 -1.17 -18.36
C VAL B 187 29.37 -2.57 -18.55
N LEU B 188 28.48 -3.56 -18.47
CA LEU B 188 28.83 -4.99 -18.56
C LEU B 188 28.75 -5.44 -20.03
N ALA B 189 27.89 -4.81 -20.83
CA ALA B 189 27.54 -5.22 -22.20
C ALA B 189 26.71 -4.12 -22.86
N THR B 190 26.97 -3.85 -24.14
CA THR B 190 26.25 -2.83 -24.94
C THR B 190 25.71 -3.49 -26.20
N ASP B 191 24.60 -2.98 -26.73
CA ASP B 191 23.95 -3.44 -28.00
C ASP B 191 23.86 -4.98 -27.99
N LEU B 192 23.48 -5.60 -26.87
CA LEU B 192 23.27 -7.08 -26.76
C LEU B 192 21.86 -7.43 -27.29
N MET B 193 21.81 -8.18 -28.38
CA MET B 193 20.56 -8.67 -29.00
C MET B 193 20.10 -9.90 -28.20
N VAL B 194 18.81 -9.94 -27.83
CA VAL B 194 18.11 -11.06 -27.14
C VAL B 194 16.69 -11.19 -27.69
N ASP B 195 16.14 -12.42 -27.70
CA ASP B 195 14.74 -12.69 -28.14
C ASP B 195 13.84 -12.62 -26.89
N VAL B 196 13.20 -11.47 -26.70
CA VAL B 196 12.27 -11.23 -25.56
C VAL B 196 10.89 -11.77 -25.95
N PRO B 197 10.34 -12.77 -25.24
CA PRO B 197 8.96 -13.21 -25.46
C PRO B 197 7.94 -12.06 -25.55
N GLY B 198 7.15 -12.04 -26.62
CA GLY B 198 6.09 -11.04 -26.88
C GLY B 198 6.54 -10.00 -27.89
N HIS B 199 7.85 -9.74 -27.95
CA HIS B 199 8.48 -8.81 -28.92
C HIS B 199 9.55 -9.61 -29.67
N GLY B 200 10.20 -9.00 -30.67
CA GLY B 200 11.20 -9.71 -31.49
C GLY B 200 12.54 -9.84 -30.79
N LYS B 201 13.62 -10.03 -31.54
CA LYS B 201 14.99 -9.82 -31.04
C LYS B 201 15.15 -8.33 -30.71
N VAL B 202 15.68 -8.00 -29.52
CA VAL B 202 15.81 -6.60 -29.02
C VAL B 202 17.23 -6.38 -28.48
N MET B 203 17.77 -5.17 -28.71
CA MET B 203 19.12 -4.76 -28.23
C MET B 203 18.97 -4.07 -26.87
N VAL B 204 19.73 -4.54 -25.88
CA VAL B 204 19.71 -4.05 -24.49
C VAL B 204 21.14 -3.70 -24.09
N ASP B 205 21.32 -2.72 -23.20
CA ASP B 205 22.61 -2.51 -22.48
C ASP B 205 22.43 -2.99 -21.04
N ILE B 206 23.40 -3.74 -20.52
CA ILE B 206 23.43 -4.16 -19.09
C ILE B 206 24.56 -3.40 -18.39
N ALA B 207 24.22 -2.62 -17.36
CA ALA B 207 25.19 -1.83 -16.56
C ALA B 207 24.98 -2.11 -15.07
N TYR B 208 26.02 -1.89 -14.27
CA TYR B 208 25.98 -1.96 -12.80
C TYR B 208 25.98 -0.55 -12.22
N GLY B 209 24.96 -0.17 -11.45
CA GLY B 209 24.93 1.07 -10.66
C GLY B 209 24.80 0.83 -9.16
N GLY B 210 25.40 -0.24 -8.63
CA GLY B 210 25.07 -0.84 -7.32
C GLY B 210 24.16 -2.06 -7.44
N ALA B 211 23.48 -2.21 -8.58
CA ALA B 211 22.77 -3.44 -9.00
C ALA B 211 22.89 -3.57 -10.52
N PHE B 212 22.57 -4.74 -11.08
CA PHE B 212 22.61 -4.98 -12.55
C PHE B 212 21.24 -4.70 -13.13
N TYR B 213 21.15 -3.72 -14.04
CA TYR B 213 19.91 -3.36 -14.77
C TYR B 213 20.14 -3.50 -16.29
N ALA B 214 19.20 -4.14 -16.97
CA ALA B 214 19.02 -4.08 -18.44
C ALA B 214 18.38 -2.74 -18.79
N PHE B 215 18.93 -2.03 -19.78
CA PHE B 215 18.34 -0.75 -20.28
C PHE B 215 17.85 -0.96 -21.70
N VAL B 216 16.60 -0.59 -21.92
CA VAL B 216 15.92 -0.64 -23.24
C VAL B 216 15.16 0.67 -23.39
N THR B 217 15.00 1.16 -24.62
CA THR B 217 14.04 2.24 -24.92
C THR B 217 12.63 1.65 -24.90
N ALA B 218 11.68 2.37 -24.30
CA ALA B 218 10.25 1.98 -24.27
C ALA B 218 9.73 1.86 -25.70
N GLU B 219 10.09 2.82 -26.57
CA GLU B 219 9.66 2.86 -28.01
C GLU B 219 10.11 1.57 -28.72
N LYS B 220 11.29 1.06 -28.38
CA LYS B 220 11.83 -0.15 -29.04
C LYS B 220 11.00 -1.38 -28.65
N LEU B 221 10.19 -1.31 -27.59
CA LEU B 221 9.25 -2.42 -27.23
C LEU B 221 7.82 -2.07 -27.65
N GLY B 222 7.64 -0.94 -28.35
CA GLY B 222 6.34 -0.51 -28.91
C GLY B 222 5.44 0.10 -27.87
N LEU B 223 6.01 0.86 -26.93
CA LEU B 223 5.29 1.60 -25.86
C LEU B 223 5.73 3.06 -25.87
N ASP B 224 4.80 4.01 -25.66
CA ASP B 224 5.13 5.43 -25.36
C ASP B 224 5.25 5.57 -23.84
N ILE B 225 6.47 5.77 -23.34
CA ILE B 225 6.75 5.87 -21.88
C ILE B 225 5.88 6.96 -21.25
N CYS B 226 5.51 8.01 -22.00
CA CYS B 226 4.78 9.18 -21.47
C CYS B 226 3.29 8.88 -21.26
N SER B 227 2.71 7.91 -21.97
CA SER B 227 1.23 7.67 -21.98
C SER B 227 0.87 6.26 -21.51
N ALA B 228 1.66 5.23 -21.86
CA ALA B 228 1.34 3.80 -21.67
C ALA B 228 0.98 3.51 -20.21
N LYS B 229 0.01 2.61 -20.00
CA LYS B 229 -0.42 2.10 -18.67
C LYS B 229 0.76 1.39 -18.00
N THR B 230 0.90 1.53 -16.67
CA THR B 230 2.01 0.95 -15.85
C THR B 230 2.07 -0.55 -16.09
N ARG B 231 0.91 -1.22 -16.14
CA ARG B 231 0.79 -2.68 -16.35
C ARG B 231 1.52 -3.07 -17.65
N ASP B 232 1.34 -2.31 -18.73
CA ASP B 232 1.98 -2.58 -20.06
C ASP B 232 3.50 -2.48 -19.94
N LEU B 233 4.00 -1.37 -19.37
CA LEU B 233 5.47 -1.11 -19.19
C LEU B 233 6.04 -2.20 -18.26
N VAL B 234 5.29 -2.66 -17.27
CA VAL B 234 5.77 -3.72 -16.33
C VAL B 234 5.94 -5.03 -17.09
N ASP B 235 4.91 -5.48 -17.82
CA ASP B 235 4.90 -6.75 -18.60
C ASP B 235 6.07 -6.75 -19.58
N ALA B 236 6.23 -5.66 -20.33
CA ALA B 236 7.35 -5.48 -21.29
C ALA B 236 8.69 -5.67 -20.57
N ALA B 237 8.96 -4.85 -19.56
CA ALA B 237 10.22 -4.81 -18.80
C ALA B 237 10.50 -6.18 -18.15
N SER B 238 9.45 -6.83 -17.61
CA SER B 238 9.57 -8.17 -17.00
C SER B 238 10.08 -9.13 -18.05
N ALA B 239 9.52 -9.09 -19.28
CA ALA B 239 9.83 -10.01 -20.41
C ALA B 239 11.33 -9.94 -20.73
N VAL B 240 11.84 -8.71 -20.88
CA VAL B 240 13.29 -8.39 -21.07
C VAL B 240 14.10 -9.03 -19.93
N THR B 241 13.68 -8.85 -18.68
CA THR B 241 14.43 -9.32 -17.48
C THR B 241 14.54 -10.85 -17.52
N GLU B 242 13.45 -11.54 -17.88
CA GLU B 242 13.40 -13.03 -17.96
C GLU B 242 14.27 -13.47 -19.13
N ALA B 243 14.13 -12.83 -20.30
CA ALA B 243 14.96 -13.08 -21.50
C ALA B 243 16.45 -13.00 -21.13
N VAL B 244 16.89 -11.91 -20.52
CA VAL B 244 18.32 -11.64 -20.18
C VAL B 244 18.81 -12.69 -19.17
N LYS B 245 17.94 -13.09 -18.23
CA LYS B 245 18.27 -14.07 -17.16
C LYS B 245 18.77 -15.38 -17.80
N ALA B 246 18.08 -15.89 -18.82
CA ALA B 246 18.40 -17.18 -19.49
C ALA B 246 19.55 -17.00 -20.49
N GLN B 247 19.62 -15.88 -21.20
CA GLN B 247 20.52 -15.67 -22.37
C GLN B 247 21.73 -14.81 -21.95
N PHE B 248 22.33 -15.07 -20.79
CA PHE B 248 23.54 -14.36 -20.29
C PHE B 248 24.10 -15.03 -19.03
N LEU B 261 21.04 -10.03 -11.90
CA LEU B 261 20.24 -9.00 -12.65
C LEU B 261 19.02 -8.55 -11.84
N TYR B 262 19.09 -7.38 -11.21
CA TYR B 262 18.08 -6.90 -10.26
C TYR B 262 16.80 -6.49 -11.01
N GLY B 263 16.89 -6.07 -12.27
CA GLY B 263 15.69 -5.77 -13.09
C GLY B 263 16.00 -4.97 -14.35
N THR B 264 14.98 -4.32 -14.90
CA THR B 264 15.05 -3.63 -16.20
C THR B 264 14.57 -2.17 -16.02
N ILE B 265 15.25 -1.24 -16.66
CA ILE B 265 14.81 0.17 -16.74
C ILE B 265 14.45 0.50 -18.19
N LEU B 266 13.21 0.90 -18.45
CA LEU B 266 12.77 1.44 -19.76
C LEU B 266 12.98 2.96 -19.77
N THR B 267 13.46 3.52 -20.88
CA THR B 267 13.83 4.94 -21.01
C THR B 267 13.05 5.63 -22.13
N ASP B 268 13.00 6.95 -22.10
CA ASP B 268 12.41 7.79 -23.18
C ASP B 268 13.39 7.91 -24.36
N GLY B 269 14.63 7.45 -24.18
CA GLY B 269 15.66 7.42 -25.23
C GLY B 269 16.35 8.76 -25.40
N LYS B 270 16.26 9.67 -24.41
CA LYS B 270 16.97 10.97 -24.44
C LYS B 270 18.37 10.83 -23.80
N ASP B 271 19.17 9.81 -24.16
CA ASP B 271 20.53 9.60 -23.58
C ASP B 271 21.51 10.66 -24.13
N ALA B 272 21.17 11.30 -25.25
CA ALA B 272 21.85 12.49 -25.81
C ALA B 272 21.79 13.66 -24.80
N TYR B 273 22.93 14.29 -24.50
CA TYR B 273 23.04 15.36 -23.46
C TYR B 273 22.05 16.48 -23.77
N THR B 274 21.36 16.97 -22.74
CA THR B 274 20.41 18.12 -22.85
C THR B 274 20.07 18.64 -21.44
N LYS B 275 19.51 19.85 -21.34
CA LYS B 275 18.98 20.40 -20.07
C LYS B 275 17.65 19.70 -19.76
N GLU B 276 16.98 19.14 -20.78
CA GLU B 276 15.70 18.41 -20.63
C GLU B 276 15.95 17.18 -19.76
N PRO B 277 15.10 16.90 -18.75
CA PRO B 277 15.18 15.64 -18.01
C PRO B 277 14.89 14.43 -18.92
N THR B 278 15.48 13.27 -18.58
CA THR B 278 15.22 11.98 -19.25
C THR B 278 14.34 11.11 -18.35
N THR B 279 13.20 10.65 -18.88
CA THR B 279 12.21 9.84 -18.15
C THR B 279 12.57 8.36 -18.25
N ASN B 280 12.60 7.67 -17.12
CA ASN B 280 12.94 6.24 -17.03
C ASN B 280 11.91 5.59 -16.10
N ILE B 281 11.67 4.29 -16.27
CA ILE B 281 10.82 3.48 -15.34
C ILE B 281 11.61 2.23 -14.99
N CYS B 282 11.75 1.96 -13.70
CA CYS B 282 12.49 0.79 -13.18
C CYS B 282 11.49 -0.26 -12.70
N VAL B 283 11.57 -1.46 -13.28
CA VAL B 283 10.74 -2.64 -12.92
C VAL B 283 11.70 -3.72 -12.43
N PHE B 284 11.72 -3.97 -11.12
CA PHE B 284 12.68 -4.93 -10.52
C PHE B 284 11.90 -6.05 -9.82
N ALA B 285 12.61 -7.13 -9.45
CA ALA B 285 12.14 -8.23 -8.57
C ALA B 285 10.86 -8.84 -9.15
N ASP B 286 9.82 -9.05 -8.34
CA ASP B 286 8.50 -9.58 -8.80
C ASP B 286 7.66 -8.41 -9.32
N GLU B 287 7.94 -7.95 -10.54
CA GLU B 287 7.12 -6.94 -11.25
C GLU B 287 6.83 -5.74 -10.32
N GLN B 288 7.84 -5.31 -9.54
CA GLN B 288 7.71 -4.17 -8.59
C GLN B 288 8.23 -2.87 -9.22
N VAL B 289 7.36 -1.87 -9.41
CA VAL B 289 7.70 -0.55 -10.01
C VAL B 289 8.35 0.33 -8.94
N ASP B 290 9.40 1.07 -9.29
CA ASP B 290 10.03 2.07 -8.41
C ASP B 290 9.34 3.39 -8.67
N ARG B 291 8.97 4.10 -7.59
CA ARG B 291 8.23 5.38 -7.64
C ARG B 291 9.23 6.54 -7.85
N SER B 292 10.53 6.29 -7.65
CA SER B 292 11.63 7.28 -7.82
C SER B 292 12.47 6.96 -9.06
N PRO B 293 13.25 7.92 -9.61
CA PRO B 293 14.32 7.59 -10.56
C PRO B 293 15.30 6.76 -9.75
N THR B 294 15.48 5.49 -10.01
CA THR B 294 16.27 4.64 -9.08
C THR B 294 17.66 5.25 -8.93
N GLY B 295 18.11 5.49 -7.69
CA GLY B 295 19.50 5.95 -7.43
C GLY B 295 20.54 5.09 -8.09
N SER B 296 20.43 3.77 -7.94
CA SER B 296 21.16 2.73 -8.72
C SER B 296 21.01 2.98 -10.22
N GLY B 297 19.77 3.15 -10.68
CA GLY B 297 19.42 3.36 -12.10
C GLY B 297 20.10 4.60 -12.67
N VAL B 298 19.98 5.74 -11.96
CA VAL B 298 20.70 7.01 -12.29
C VAL B 298 22.19 6.69 -12.44
N THR B 299 22.76 6.01 -11.45
CA THR B 299 24.19 5.69 -11.44
C THR B 299 24.56 4.91 -12.70
N ALA B 300 23.88 3.81 -12.99
CA ALA B 300 24.18 2.91 -14.12
C ALA B 300 23.96 3.63 -15.44
N ARG B 301 22.96 4.49 -15.53
CA ARG B 301 22.68 5.25 -16.78
C ARG B 301 23.80 6.26 -17.04
N ILE B 302 24.34 6.89 -15.99
CA ILE B 302 25.46 7.87 -16.10
C ILE B 302 26.70 7.12 -16.60
N ALA B 303 27.03 5.98 -15.99
CA ALA B 303 28.07 5.07 -16.49
C ALA B 303 27.87 4.79 -17.98
N LEU B 304 26.64 4.47 -18.39
CA LEU B 304 26.32 4.11 -19.80
C LEU B 304 26.51 5.33 -20.69
N GLN B 305 26.06 6.51 -20.25
CA GLN B 305 26.18 7.78 -21.01
C GLN B 305 27.66 8.15 -21.14
N TYR B 306 28.45 7.94 -20.09
CA TYR B 306 29.90 8.22 -20.05
C TYR B 306 30.59 7.32 -21.08
N HIS B 307 30.29 6.03 -21.05
CA HIS B 307 30.89 4.97 -21.88
C HIS B 307 30.63 5.23 -23.37
N LYS B 308 29.44 5.70 -23.74
CA LYS B 308 29.07 5.94 -25.15
C LYS B 308 29.54 7.33 -25.60
N GLY B 309 30.31 8.05 -24.79
CA GLY B 309 30.85 9.39 -25.12
C GLY B 309 29.75 10.42 -25.35
N LEU B 310 28.68 10.33 -24.58
CA LEU B 310 27.55 11.30 -24.66
C LEU B 310 27.68 12.35 -23.55
N LEU B 311 28.63 12.16 -22.64
CA LEU B 311 28.71 12.90 -21.35
C LEU B 311 30.15 12.87 -20.85
N GLU B 312 30.59 13.96 -20.20
CA GLU B 312 31.95 14.08 -19.61
C GLU B 312 31.83 14.15 -18.09
N LEU B 313 32.96 14.01 -17.38
CA LEU B 313 33.03 14.17 -15.91
C LEU B 313 32.47 15.55 -15.53
N ASN B 314 31.77 15.62 -14.40
CA ASN B 314 31.20 16.85 -13.81
C ASN B 314 30.17 17.47 -14.76
N GLN B 315 29.77 16.75 -15.81
CA GLN B 315 28.53 17.05 -16.57
C GLN B 315 27.35 16.34 -15.87
N MET B 316 26.26 17.08 -15.63
CA MET B 316 25.12 16.67 -14.78
C MET B 316 23.86 16.56 -15.63
N ARG B 317 23.22 15.37 -15.65
CA ARG B 317 21.87 15.14 -16.24
C ARG B 317 20.83 15.12 -15.13
N ALA B 318 19.56 15.27 -15.50
CA ALA B 318 18.38 15.09 -14.63
C ALA B 318 17.58 13.88 -15.12
N PHE B 319 17.16 13.03 -14.19
CA PHE B 319 16.36 11.82 -14.45
C PHE B 319 14.98 11.99 -13.82
N LYS B 320 13.92 11.77 -14.60
CA LYS B 320 12.52 11.93 -14.16
C LYS B 320 11.87 10.55 -14.08
N SER B 321 11.11 10.30 -13.01
CA SER B 321 10.33 9.05 -12.82
C SER B 321 9.08 9.09 -13.69
N SER B 322 8.83 8.05 -14.49
CA SER B 322 7.58 7.89 -15.29
C SER B 322 6.40 7.73 -14.33
N ALA B 323 6.61 7.01 -13.23
CA ALA B 323 5.61 6.72 -12.18
C ALA B 323 5.08 8.02 -11.56
N THR B 324 5.97 8.85 -11.04
CA THR B 324 5.65 9.89 -10.04
C THR B 324 5.98 11.29 -10.54
N GLY B 325 6.99 11.43 -11.41
CA GLY B 325 7.42 12.70 -12.02
C GLY B 325 8.56 13.32 -11.24
N SER B 326 9.09 12.63 -10.23
CA SER B 326 10.16 13.17 -9.37
C SER B 326 11.49 13.07 -10.12
N VAL B 327 12.47 13.87 -9.72
CA VAL B 327 13.71 14.08 -10.50
C VAL B 327 14.90 13.91 -9.58
N PHE B 328 15.83 13.05 -9.98
CA PHE B 328 17.19 12.91 -9.38
C PHE B 328 18.16 13.39 -10.44
N THR B 329 19.32 13.90 -10.02
CA THR B 329 20.41 14.31 -10.91
C THR B 329 21.57 13.36 -10.70
N GLY B 330 22.22 13.02 -11.81
CA GLY B 330 23.46 12.24 -11.83
C GLY B 330 24.61 13.08 -12.33
N LYS B 331 25.81 12.79 -11.88
CA LYS B 331 27.05 13.50 -12.30
C LYS B 331 28.22 12.54 -12.09
N ALA B 332 28.90 12.13 -13.16
CA ALA B 332 30.14 11.36 -13.08
C ALA B 332 31.21 12.30 -12.55
N VAL B 333 31.90 11.93 -11.47
CA VAL B 333 32.84 12.88 -10.78
C VAL B 333 34.29 12.48 -11.08
N ARG B 334 34.60 11.18 -11.12
CA ARG B 334 35.96 10.70 -11.45
C ARG B 334 35.86 9.31 -12.04
N GLU B 335 36.83 8.96 -12.89
CA GLU B 335 36.98 7.59 -13.46
C GLU B 335 37.45 6.68 -12.34
N ALA B 336 37.34 5.37 -12.54
CA ALA B 336 37.79 4.35 -11.58
C ALA B 336 37.88 3.01 -12.29
N LYS B 337 38.04 1.93 -11.52
CA LYS B 337 38.13 0.56 -12.06
C LYS B 337 37.34 -0.40 -11.18
N CYS B 338 36.89 -1.49 -11.78
CA CYS B 338 36.15 -2.59 -11.13
C CYS B 338 36.60 -3.91 -11.76
N GLY B 339 37.69 -4.49 -11.24
CA GLY B 339 38.43 -5.58 -11.89
C GLY B 339 39.11 -5.07 -13.15
N ASP B 340 38.85 -5.72 -14.30
CA ASP B 340 39.38 -5.32 -15.63
C ASP B 340 38.51 -4.18 -16.22
N PHE B 341 37.30 -3.98 -15.66
CA PHE B 341 36.25 -3.10 -16.23
C PHE B 341 36.57 -1.64 -15.87
N LYS B 342 36.52 -0.74 -16.86
CA LYS B 342 36.57 0.73 -16.64
C LYS B 342 35.25 1.16 -16.00
N ALA B 343 35.30 1.70 -14.79
CA ALA B 343 34.11 2.15 -14.05
C ALA B 343 34.10 3.67 -14.01
N VAL B 344 33.09 4.20 -13.34
CA VAL B 344 32.96 5.64 -13.03
C VAL B 344 32.38 5.80 -11.62
N ILE B 345 32.65 6.94 -10.98
CA ILE B 345 32.03 7.31 -9.68
C ILE B 345 30.99 8.37 -10.02
N VAL B 346 29.77 8.20 -9.49
CA VAL B 346 28.61 9.07 -9.84
C VAL B 346 28.11 9.78 -8.58
N GLU B 347 27.87 11.08 -8.67
CA GLU B 347 27.20 11.90 -7.64
C GLU B 347 25.69 11.89 -7.93
N VAL B 348 24.93 11.13 -7.15
CA VAL B 348 23.43 11.15 -7.20
C VAL B 348 22.94 12.13 -6.14
N SER B 349 21.97 12.97 -6.49
CA SER B 349 21.36 13.96 -5.58
C SER B 349 19.86 14.05 -5.85
N GLY B 350 19.10 14.36 -4.81
CA GLY B 350 17.63 14.33 -4.80
C GLY B 350 17.16 14.86 -3.47
N GLN B 351 15.84 14.96 -3.27
CA GLN B 351 15.21 15.48 -2.02
C GLN B 351 14.43 14.35 -1.38
N ALA B 352 14.56 14.21 -0.08
CA ALA B 352 13.64 13.42 0.76
C ALA B 352 12.70 14.39 1.46
N HIS B 353 11.44 13.99 1.67
CA HIS B 353 10.42 14.77 2.42
C HIS B 353 9.81 13.95 3.56
N TYR B 354 9.52 14.61 4.70
CA TYR B 354 8.74 14.02 5.82
C TYR B 354 7.28 13.89 5.38
N THR B 355 6.62 12.80 5.77
CA THR B 355 5.19 12.56 5.47
C THR B 355 4.39 12.46 6.76
N GLY B 356 5.03 12.11 7.87
CA GLY B 356 4.36 12.05 9.18
C GLY B 356 4.98 11.02 10.10
N THR B 357 4.18 10.46 10.99
CA THR B 357 4.63 9.69 12.17
C THR B 357 3.52 8.74 12.59
N ALA B 358 3.88 7.52 12.94
CA ALA B 358 2.88 6.51 13.29
C ALA B 358 3.33 5.80 14.56
N SER B 359 2.37 5.31 15.33
CA SER B 359 2.57 4.40 16.46
C SER B 359 1.84 3.12 16.11
N PHE B 360 2.56 2.02 15.92
CA PHE B 360 1.93 0.72 15.61
C PHE B 360 1.78 -0.11 16.89
N ILE B 361 0.61 -0.72 17.02
CA ILE B 361 0.19 -1.56 18.16
C ILE B 361 -0.40 -2.84 17.63
N ILE B 362 -0.48 -3.85 18.48
CA ILE B 362 -1.03 -5.18 18.13
C ILE B 362 -2.01 -5.57 19.23
N GLU B 363 -3.14 -6.16 18.85
CA GLU B 363 -4.11 -6.71 19.81
C GLU B 363 -3.86 -8.21 19.97
N ASP B 364 -3.82 -8.68 21.21
CA ASP B 364 -3.65 -10.10 21.61
C ASP B 364 -4.49 -11.01 20.69
N ASP B 365 -5.73 -10.59 20.36
CA ASP B 365 -6.75 -11.38 19.63
C ASP B 365 -6.38 -11.53 18.13
N ASP B 366 -5.70 -10.53 17.54
CA ASP B 366 -5.70 -10.29 16.07
C ASP B 366 -4.97 -11.42 15.36
N PRO B 367 -5.69 -12.27 14.60
CA PRO B 367 -5.03 -13.27 13.75
C PRO B 367 -3.93 -12.65 12.88
N LEU B 368 -4.13 -11.42 12.41
CA LEU B 368 -3.16 -10.74 11.52
C LEU B 368 -2.31 -9.74 12.31
N ARG B 369 -1.96 -10.08 13.56
CA ARG B 369 -1.03 -9.30 14.42
C ARG B 369 0.25 -8.99 13.65
N ASP B 370 0.87 -10.01 13.09
CA ASP B 370 2.24 -9.96 12.52
C ASP B 370 2.14 -9.73 11.01
N GLY B 371 0.97 -9.32 10.52
CA GLY B 371 0.76 -8.91 9.12
C GLY B 371 0.58 -10.08 8.16
N PHE B 372 0.37 -9.78 6.88
CA PHE B 372 0.08 -10.77 5.80
C PHE B 372 0.48 -10.14 4.46
N LEU B 373 0.76 -10.98 3.47
CA LEU B 373 1.02 -10.53 2.08
C LEU B 373 0.17 -11.38 1.14
N LEU B 374 -0.28 -10.83 0.01
CA LEU B 374 -1.18 -11.55 -0.92
C LEU B 374 -0.39 -12.58 -1.72
N LYS B 375 -0.96 -13.80 -1.82
CA LYS B 375 -0.50 -14.97 -2.63
C LYS B 375 -0.59 -14.64 -4.13
#